data_1KX8
# 
_entry.id   1KX8 
# 
_audit_conform.dict_name       mmcif_pdbx.dic 
_audit_conform.dict_version    5.398 
_audit_conform.dict_location   http://mmcif.pdb.org/dictionaries/ascii/mmcif_pdbx.dic 
# 
loop_
_database_2.database_id 
_database_2.database_code 
_database_2.pdbx_database_accession 
_database_2.pdbx_DOI 
PDB   1KX8         pdb_00001kx8 10.2210/pdb1kx8/pdb 
RCSB  RCSB015434   ?            ?                   
WWPDB D_1000015434 ?            ?                   
# 
loop_
_pdbx_audit_revision_history.ordinal 
_pdbx_audit_revision_history.data_content_type 
_pdbx_audit_revision_history.major_revision 
_pdbx_audit_revision_history.minor_revision 
_pdbx_audit_revision_history.revision_date 
1 'Structure model' 1 0 2002-12-04 
2 'Structure model' 1 1 2008-04-27 
3 'Structure model' 1 2 2011-07-13 
4 'Structure model' 1 3 2024-10-30 
# 
_pdbx_audit_revision_details.ordinal             1 
_pdbx_audit_revision_details.revision_ordinal    1 
_pdbx_audit_revision_details.data_content_type   'Structure model' 
_pdbx_audit_revision_details.provider            repository 
_pdbx_audit_revision_details.type                'Initial release' 
_pdbx_audit_revision_details.description         ? 
_pdbx_audit_revision_details.details             ? 
# 
loop_
_pdbx_audit_revision_group.ordinal 
_pdbx_audit_revision_group.revision_ordinal 
_pdbx_audit_revision_group.data_content_type 
_pdbx_audit_revision_group.group 
1 2 'Structure model' 'Version format compliance' 
2 3 'Structure model' 'Version format compliance' 
3 4 'Structure model' 'Data collection'           
4 4 'Structure model' 'Database references'       
5 4 'Structure model' 'Structure summary'         
# 
loop_
_pdbx_audit_revision_category.ordinal 
_pdbx_audit_revision_category.revision_ordinal 
_pdbx_audit_revision_category.data_content_type 
_pdbx_audit_revision_category.category 
1 4 'Structure model' chem_comp_atom            
2 4 'Structure model' chem_comp_bond            
3 4 'Structure model' database_2                
4 4 'Structure model' pdbx_entry_details        
5 4 'Structure model' pdbx_modification_feature 
# 
loop_
_pdbx_audit_revision_item.ordinal 
_pdbx_audit_revision_item.revision_ordinal 
_pdbx_audit_revision_item.data_content_type 
_pdbx_audit_revision_item.item 
1 4 'Structure model' '_database_2.pdbx_DOI'                
2 4 'Structure model' '_database_2.pdbx_database_accession' 
# 
_pdbx_database_status.status_code                     REL 
_pdbx_database_status.entry_id                        1KX8 
_pdbx_database_status.recvd_initial_deposition_date   2002-01-31 
_pdbx_database_status.deposit_site                    RCSB 
_pdbx_database_status.process_site                    RCSB 
_pdbx_database_status.status_code_sf                  REL 
_pdbx_database_status.SG_entry                        . 
_pdbx_database_status.pdb_format_compatible           Y 
_pdbx_database_status.status_code_mr                  ? 
_pdbx_database_status.status_code_cs                  ? 
_pdbx_database_status.status_code_nmr_data            ? 
_pdbx_database_status.methods_development_category    ? 
# 
_pdbx_database_related.db_name        PDB 
_pdbx_database_related.db_id          1KX9 
_pdbx_database_related.details        '1KX9 contains the same protein' 
_pdbx_database_related.content_type   unspecified 
# 
loop_
_audit_author.name 
_audit_author.pdbx_ordinal 
'Lartigue, A.'   1 
'Campanacci, V.' 2 
'Roussel, A.'    3 
'Larsson, A.M.'  4 
'Jones, T.A.'    5 
'Tegoni, M.'     6 
'Cambillau, C.'  7 
# 
loop_
_citation.id 
_citation.title 
_citation.journal_abbrev 
_citation.journal_volume 
_citation.page_first 
_citation.page_last 
_citation.year 
_citation.journal_id_ASTM 
_citation.country 
_citation.journal_id_ISSN 
_citation.journal_id_CSD 
_citation.book_publisher 
_citation.pdbx_database_id_PubMed 
_citation.pdbx_database_id_DOI 
primary 'X-Ray Structure and Ligand Binding Study of a Chemosensory Protein' J.Biol.Chem.               277 32094 32098 2002 
JBCHA3 US 0021-9258 0071 ? 12068017 10.1074/jbc.M204371200           
1       'Chemosensory Protein from the Moth Mamestra brassicae. Expression and Secondary Structure from 1H and 15N NMR' 
Eur.J.Biochem.             268 4731  4739  2001 EJBCAI IX 0014-2956 0262 ? ?        10.1046/j.1432-1327.2001.02398.x 
2       
'Recombinant Chemosensory Protein (CSP2) from the moth Mamestra brassicae: Crystallization and Preliminary Crystallographic Study' 
'Acta Crystallogr.,Sect.D' 57  137   139   2001 ABCRE6 DK 0907-4449 0766 ? ?        10.1107/S0907444900013822        
# 
loop_
_citation_author.citation_id 
_citation_author.name 
_citation_author.ordinal 
_citation_author.identifier_ORCID 
primary 'Lartigue, A.'      1  ? 
primary 'Campanacci, V.'    2  ? 
primary 'Roussel, A.'       3  ? 
primary 'Larsson, A.M.'     4  ? 
primary 'Jones, T.A.'       5  ? 
primary 'Tegoni, M.'        6  ? 
primary 'Cambillau, C.'     7  ? 
1       'Campanacci, V.'    8  ? 
1       'Mosbah, A.'        9  ? 
1       'Bornet, O.'        10 ? 
1       'Wechselberger, R.' 11 ? 
1       'Jacquin-Joly, E.'  12 ? 
1       'Cambillau, C.'     13 ? 
1       'Darbon, H.'        14 ? 
1       'Tegoni, M.'        15 ? 
2       'Campanacci, V.'    16 ? 
2       'Spinelli, S.'      17 ? 
2       'Lartigue, A.'      18 ? 
2       'Lewandowski, C.'   19 ? 
2       'Brown, K.'         20 ? 
2       'Tegoni, M.'        21 ? 
2       'Cambillau, C.'     22 ? 
# 
loop_
_entity.id 
_entity.type 
_entity.src_method 
_entity.pdbx_description 
_entity.formula_weight 
_entity.pdbx_number_of_molecules 
_entity.pdbx_ec 
_entity.pdbx_mutation 
_entity.pdbx_fragment 
_entity.details 
1 polymer man 'CHEMOSENSORY PROTEIN A6' 13094.840 1  ? ? ? ? 
2 water   nat water                     18.015    21 ? ? ? ? 
# 
_entity_poly.entity_id                      1 
_entity_poly.type                           'polypeptide(L)' 
_entity_poly.nstd_linkage                   no 
_entity_poly.nstd_monomer                   no 
_entity_poly.pdbx_seq_one_letter_code       
;EDKYTDKYDNINLDEILANKRLLVAYVNCVMERGKCSPEGKELKEHLQDAIENGCKKCTENQEKGAYRVIEHLIKNEIEI
WRELTAKYDPTGNWRKKYEDRAKAAGIVIPEE
;
_entity_poly.pdbx_seq_one_letter_code_can   
;EDKYTDKYDNINLDEILANKRLLVAYVNCVMERGKCSPEGKELKEHLQDAIENGCKKCTENQEKGAYRVIEHLIKNEIEI
WRELTAKYDPTGNWRKKYEDRAKAAGIVIPEE
;
_entity_poly.pdbx_strand_id                 A 
_entity_poly.pdbx_target_identifier         ? 
# 
_pdbx_entity_nonpoly.entity_id   2 
_pdbx_entity_nonpoly.name        water 
_pdbx_entity_nonpoly.comp_id     HOH 
# 
loop_
_entity_poly_seq.entity_id 
_entity_poly_seq.num 
_entity_poly_seq.mon_id 
_entity_poly_seq.hetero 
1 1   GLU n 
1 2   ASP n 
1 3   LYS n 
1 4   TYR n 
1 5   THR n 
1 6   ASP n 
1 7   LYS n 
1 8   TYR n 
1 9   ASP n 
1 10  ASN n 
1 11  ILE n 
1 12  ASN n 
1 13  LEU n 
1 14  ASP n 
1 15  GLU n 
1 16  ILE n 
1 17  LEU n 
1 18  ALA n 
1 19  ASN n 
1 20  LYS n 
1 21  ARG n 
1 22  LEU n 
1 23  LEU n 
1 24  VAL n 
1 25  ALA n 
1 26  TYR n 
1 27  VAL n 
1 28  ASN n 
1 29  CYS n 
1 30  VAL n 
1 31  MET n 
1 32  GLU n 
1 33  ARG n 
1 34  GLY n 
1 35  LYS n 
1 36  CYS n 
1 37  SER n 
1 38  PRO n 
1 39  GLU n 
1 40  GLY n 
1 41  LYS n 
1 42  GLU n 
1 43  LEU n 
1 44  LYS n 
1 45  GLU n 
1 46  HIS n 
1 47  LEU n 
1 48  GLN n 
1 49  ASP n 
1 50  ALA n 
1 51  ILE n 
1 52  GLU n 
1 53  ASN n 
1 54  GLY n 
1 55  CYS n 
1 56  LYS n 
1 57  LYS n 
1 58  CYS n 
1 59  THR n 
1 60  GLU n 
1 61  ASN n 
1 62  GLN n 
1 63  GLU n 
1 64  LYS n 
1 65  GLY n 
1 66  ALA n 
1 67  TYR n 
1 68  ARG n 
1 69  VAL n 
1 70  ILE n 
1 71  GLU n 
1 72  HIS n 
1 73  LEU n 
1 74  ILE n 
1 75  LYS n 
1 76  ASN n 
1 77  GLU n 
1 78  ILE n 
1 79  GLU n 
1 80  ILE n 
1 81  TRP n 
1 82  ARG n 
1 83  GLU n 
1 84  LEU n 
1 85  THR n 
1 86  ALA n 
1 87  LYS n 
1 88  TYR n 
1 89  ASP n 
1 90  PRO n 
1 91  THR n 
1 92  GLY n 
1 93  ASN n 
1 94  TRP n 
1 95  ARG n 
1 96  LYS n 
1 97  LYS n 
1 98  TYR n 
1 99  GLU n 
1 100 ASP n 
1 101 ARG n 
1 102 ALA n 
1 103 LYS n 
1 104 ALA n 
1 105 ALA n 
1 106 GLY n 
1 107 ILE n 
1 108 VAL n 
1 109 ILE n 
1 110 PRO n 
1 111 GLU n 
1 112 GLU n 
# 
_entity_src_gen.entity_id                          1 
_entity_src_gen.pdbx_src_id                        1 
_entity_src_gen.pdbx_alt_source_flag               sample 
_entity_src_gen.pdbx_seq_type                      ? 
_entity_src_gen.pdbx_beg_seq_num                   ? 
_entity_src_gen.pdbx_end_seq_num                   ? 
_entity_src_gen.gene_src_common_name               'cabbage moth' 
_entity_src_gen.gene_src_genus                     Mamestra 
_entity_src_gen.pdbx_gene_src_gene                 ? 
_entity_src_gen.gene_src_species                   ? 
_entity_src_gen.gene_src_strain                    ? 
_entity_src_gen.gene_src_tissue                    ? 
_entity_src_gen.gene_src_tissue_fraction           ? 
_entity_src_gen.gene_src_details                   ? 
_entity_src_gen.pdbx_gene_src_fragment             ? 
_entity_src_gen.pdbx_gene_src_scientific_name      'Mamestra brassicae' 
_entity_src_gen.pdbx_gene_src_ncbi_taxonomy_id     55057 
_entity_src_gen.pdbx_gene_src_variant              ? 
_entity_src_gen.pdbx_gene_src_cell_line            ? 
_entity_src_gen.pdbx_gene_src_atcc                 ? 
_entity_src_gen.pdbx_gene_src_organ                ? 
_entity_src_gen.pdbx_gene_src_organelle            ? 
_entity_src_gen.pdbx_gene_src_cell                 ? 
_entity_src_gen.pdbx_gene_src_cellular_location    ? 
_entity_src_gen.host_org_common_name               ? 
_entity_src_gen.pdbx_host_org_scientific_name      'Escherichia coli BL21' 
_entity_src_gen.pdbx_host_org_ncbi_taxonomy_id     511693 
_entity_src_gen.host_org_genus                     Escherichia 
_entity_src_gen.pdbx_host_org_gene                 ? 
_entity_src_gen.pdbx_host_org_organ                ? 
_entity_src_gen.host_org_species                   'Escherichia coli' 
_entity_src_gen.pdbx_host_org_tissue               ? 
_entity_src_gen.pdbx_host_org_tissue_fraction      ? 
_entity_src_gen.pdbx_host_org_strain               BL21 
_entity_src_gen.pdbx_host_org_variant              ? 
_entity_src_gen.pdbx_host_org_cell_line            ? 
_entity_src_gen.pdbx_host_org_atcc                 ? 
_entity_src_gen.pdbx_host_org_culture_collection   ? 
_entity_src_gen.pdbx_host_org_cell                 ? 
_entity_src_gen.pdbx_host_org_organelle            ? 
_entity_src_gen.pdbx_host_org_cellular_location    ? 
_entity_src_gen.pdbx_host_org_vector_type          PLASMID 
_entity_src_gen.pdbx_host_org_vector               ? 
_entity_src_gen.host_org_details                   ? 
_entity_src_gen.expression_system_id               ? 
_entity_src_gen.plasmid_name                       'pET 22b+' 
_entity_src_gen.plasmid_details                    ? 
_entity_src_gen.pdbx_description                   ? 
# 
loop_
_chem_comp.id 
_chem_comp.type 
_chem_comp.mon_nstd_flag 
_chem_comp.name 
_chem_comp.pdbx_synonyms 
_chem_comp.formula 
_chem_comp.formula_weight 
ALA 'L-peptide linking' y ALANINE         ? 'C3 H7 N O2'     89.093  
ARG 'L-peptide linking' y ARGININE        ? 'C6 H15 N4 O2 1' 175.209 
ASN 'L-peptide linking' y ASPARAGINE      ? 'C4 H8 N2 O3'    132.118 
ASP 'L-peptide linking' y 'ASPARTIC ACID' ? 'C4 H7 N O4'     133.103 
CYS 'L-peptide linking' y CYSTEINE        ? 'C3 H7 N O2 S'   121.158 
GLN 'L-peptide linking' y GLUTAMINE       ? 'C5 H10 N2 O3'   146.144 
GLU 'L-peptide linking' y 'GLUTAMIC ACID' ? 'C5 H9 N O4'     147.129 
GLY 'peptide linking'   y GLYCINE         ? 'C2 H5 N O2'     75.067  
HIS 'L-peptide linking' y HISTIDINE       ? 'C6 H10 N3 O2 1' 156.162 
HOH non-polymer         . WATER           ? 'H2 O'           18.015  
ILE 'L-peptide linking' y ISOLEUCINE      ? 'C6 H13 N O2'    131.173 
LEU 'L-peptide linking' y LEUCINE         ? 'C6 H13 N O2'    131.173 
LYS 'L-peptide linking' y LYSINE          ? 'C6 H15 N2 O2 1' 147.195 
MET 'L-peptide linking' y METHIONINE      ? 'C5 H11 N O2 S'  149.211 
PRO 'L-peptide linking' y PROLINE         ? 'C5 H9 N O2'     115.130 
SER 'L-peptide linking' y SERINE          ? 'C3 H7 N O3'     105.093 
THR 'L-peptide linking' y THREONINE       ? 'C4 H9 N O3'     119.119 
TRP 'L-peptide linking' y TRYPTOPHAN      ? 'C11 H12 N2 O2'  204.225 
TYR 'L-peptide linking' y TYROSINE        ? 'C9 H11 N O3'    181.189 
VAL 'L-peptide linking' y VALINE          ? 'C5 H11 N O2'    117.146 
# 
loop_
_pdbx_poly_seq_scheme.asym_id 
_pdbx_poly_seq_scheme.entity_id 
_pdbx_poly_seq_scheme.seq_id 
_pdbx_poly_seq_scheme.mon_id 
_pdbx_poly_seq_scheme.ndb_seq_num 
_pdbx_poly_seq_scheme.pdb_seq_num 
_pdbx_poly_seq_scheme.auth_seq_num 
_pdbx_poly_seq_scheme.pdb_mon_id 
_pdbx_poly_seq_scheme.auth_mon_id 
_pdbx_poly_seq_scheme.pdb_strand_id 
_pdbx_poly_seq_scheme.pdb_ins_code 
_pdbx_poly_seq_scheme.hetero 
A 1 1   GLU 1   1   ?   ?   ?   A . n 
A 1 2   ASP 2   2   ?   ?   ?   A . n 
A 1 3   LYS 3   3   ?   ?   ?   A . n 
A 1 4   TYR 4   4   ?   ?   ?   A . n 
A 1 5   THR 5   5   ?   ?   ?   A . n 
A 1 6   ASP 6   6   ?   ?   ?   A . n 
A 1 7   LYS 7   7   ?   ?   ?   A . n 
A 1 8   TYR 8   8   ?   ?   ?   A . n 
A 1 9   ASP 9   9   ?   ?   ?   A . n 
A 1 10  ASN 10  10  10  ASN ASN A . n 
A 1 11  ILE 11  11  11  ILE ILE A . n 
A 1 12  ASN 12  12  12  ASN ASN A . n 
A 1 13  LEU 13  13  13  LEU LEU A . n 
A 1 14  ASP 14  14  14  ASP ASP A . n 
A 1 15  GLU 15  15  15  GLU GLU A . n 
A 1 16  ILE 16  16  16  ILE ILE A . n 
A 1 17  LEU 17  17  17  LEU LEU A . n 
A 1 18  ALA 18  18  18  ALA ALA A . n 
A 1 19  ASN 19  19  19  ASN ASN A . n 
A 1 20  LYS 20  20  20  LYS LYS A . n 
A 1 21  ARG 21  21  21  ARG ARG A . n 
A 1 22  LEU 22  22  22  LEU LEU A . n 
A 1 23  LEU 23  23  23  LEU LEU A . n 
A 1 24  VAL 24  24  24  VAL VAL A . n 
A 1 25  ALA 25  25  25  ALA ALA A . n 
A 1 26  TYR 26  26  26  TYR TYR A . n 
A 1 27  VAL 27  27  27  VAL VAL A . n 
A 1 28  ASN 28  28  28  ASN ASN A . n 
A 1 29  CYS 29  29  29  CYS CYS A . n 
A 1 30  VAL 30  30  30  VAL VAL A . n 
A 1 31  MET 31  31  31  MET MET A . n 
A 1 32  GLU 32  32  32  GLU GLU A . n 
A 1 33  ARG 33  33  33  ARG ARG A . n 
A 1 34  GLY 34  34  34  GLY GLY A . n 
A 1 35  LYS 35  35  35  LYS LYS A . n 
A 1 36  CYS 36  36  36  CYS CYS A . n 
A 1 37  SER 37  37  37  SER SER A . n 
A 1 38  PRO 38  38  38  PRO PRO A . n 
A 1 39  GLU 39  39  39  GLU GLU A . n 
A 1 40  GLY 40  40  40  GLY GLY A . n 
A 1 41  LYS 41  41  41  LYS LYS A . n 
A 1 42  GLU 42  42  42  GLU GLU A . n 
A 1 43  LEU 43  43  43  LEU LEU A . n 
A 1 44  LYS 44  44  44  LYS LYS A . n 
A 1 45  GLU 45  45  45  GLU GLU A . n 
A 1 46  HIS 46  46  46  HIS HIS A . n 
A 1 47  LEU 47  47  47  LEU LEU A . n 
A 1 48  GLN 48  48  48  GLN GLN A . n 
A 1 49  ASP 49  49  49  ASP ASP A . n 
A 1 50  ALA 50  50  50  ALA ALA A . n 
A 1 51  ILE 51  51  51  ILE ILE A . n 
A 1 52  GLU 52  52  52  GLU GLU A . n 
A 1 53  ASN 53  53  53  ASN ASN A . n 
A 1 54  GLY 54  54  54  GLY GLY A . n 
A 1 55  CYS 55  55  55  CYS CYS A . n 
A 1 56  LYS 56  56  56  LYS LYS A . n 
A 1 57  LYS 57  57  57  LYS LYS A . n 
A 1 58  CYS 58  58  58  CYS CYS A . n 
A 1 59  THR 59  59  59  THR THR A . n 
A 1 60  GLU 60  60  60  GLU GLU A . n 
A 1 61  ASN 61  61  61  ASN ASN A . n 
A 1 62  GLN 62  62  62  GLN GLN A . n 
A 1 63  GLU 63  63  63  GLU GLU A . n 
A 1 64  LYS 64  64  64  LYS LYS A . n 
A 1 65  GLY 65  65  65  GLY GLY A . n 
A 1 66  ALA 66  66  66  ALA ALA A . n 
A 1 67  TYR 67  67  67  TYR TYR A . n 
A 1 68  ARG 68  68  68  ARG ARG A . n 
A 1 69  VAL 69  69  69  VAL VAL A . n 
A 1 70  ILE 70  70  70  ILE ILE A . n 
A 1 71  GLU 71  71  71  GLU GLU A . n 
A 1 72  HIS 72  72  72  HIS HIS A . n 
A 1 73  LEU 73  73  73  LEU LEU A . n 
A 1 74  ILE 74  74  74  ILE ILE A . n 
A 1 75  LYS 75  75  75  LYS LYS A . n 
A 1 76  ASN 76  76  76  ASN ASN A . n 
A 1 77  GLU 77  77  77  GLU GLU A . n 
A 1 78  ILE 78  78  78  ILE ILE A . n 
A 1 79  GLU 79  79  79  GLU GLU A . n 
A 1 80  ILE 80  80  80  ILE ILE A . n 
A 1 81  TRP 81  81  81  TRP TRP A . n 
A 1 82  ARG 82  82  82  ARG ARG A . n 
A 1 83  GLU 83  83  83  GLU GLU A . n 
A 1 84  LEU 84  84  84  LEU LEU A . n 
A 1 85  THR 85  85  85  THR THR A . n 
A 1 86  ALA 86  86  86  ALA ALA A . n 
A 1 87  LYS 87  87  87  LYS LYS A . n 
A 1 88  TYR 88  88  88  TYR TYR A . n 
A 1 89  ASP 89  89  89  ASP ASP A . n 
A 1 90  PRO 90  90  90  PRO PRO A . n 
A 1 91  THR 91  91  91  THR THR A . n 
A 1 92  GLY 92  92  92  GLY GLY A . n 
A 1 93  ASN 93  93  93  ASN ASN A . n 
A 1 94  TRP 94  94  94  TRP TRP A . n 
A 1 95  ARG 95  95  95  ARG ARG A . n 
A 1 96  LYS 96  96  96  LYS LYS A . n 
A 1 97  LYS 97  97  97  LYS LYS A . n 
A 1 98  TYR 98  98  98  TYR TYR A . n 
A 1 99  GLU 99  99  99  GLU GLU A . n 
A 1 100 ASP 100 100 100 ASP ASP A . n 
A 1 101 ARG 101 101 101 ARG ARG A . n 
A 1 102 ALA 102 102 102 ALA ALA A . n 
A 1 103 LYS 103 103 103 LYS LYS A . n 
A 1 104 ALA 104 104 104 ALA ALA A . n 
A 1 105 ALA 105 105 105 ALA ALA A . n 
A 1 106 GLY 106 106 106 GLY GLY A . n 
A 1 107 ILE 107 107 107 ILE ILE A . n 
A 1 108 VAL 108 108 108 VAL VAL A . n 
A 1 109 ILE 109 109 109 ILE ILE A . n 
A 1 110 PRO 110 110 ?   ?   ?   A . n 
A 1 111 GLU 111 111 ?   ?   ?   A . n 
A 1 112 GLU 112 112 ?   ?   ?   A . n 
# 
loop_
_pdbx_nonpoly_scheme.asym_id 
_pdbx_nonpoly_scheme.entity_id 
_pdbx_nonpoly_scheme.mon_id 
_pdbx_nonpoly_scheme.ndb_seq_num 
_pdbx_nonpoly_scheme.pdb_seq_num 
_pdbx_nonpoly_scheme.auth_seq_num 
_pdbx_nonpoly_scheme.pdb_mon_id 
_pdbx_nonpoly_scheme.auth_mon_id 
_pdbx_nonpoly_scheme.pdb_strand_id 
_pdbx_nonpoly_scheme.pdb_ins_code 
B 2 HOH 1  201 201 HOH WAT A . 
B 2 HOH 2  202 202 HOH WAT A . 
B 2 HOH 3  203 203 HOH WAT A . 
B 2 HOH 4  204 204 HOH WAT A . 
B 2 HOH 5  205 205 HOH WAT A . 
B 2 HOH 6  206 206 HOH WAT A . 
B 2 HOH 7  207 207 HOH WAT A . 
B 2 HOH 8  208 208 HOH WAT A . 
B 2 HOH 9  209 209 HOH WAT A . 
B 2 HOH 10 210 210 HOH WAT A . 
B 2 HOH 11 211 211 HOH WAT A . 
B 2 HOH 12 212 212 HOH WAT A . 
B 2 HOH 13 213 213 HOH WAT A . 
B 2 HOH 14 214 214 HOH WAT A . 
B 2 HOH 15 215 215 HOH WAT A . 
B 2 HOH 16 216 216 HOH WAT A . 
B 2 HOH 17 217 217 HOH WAT A . 
B 2 HOH 18 218 218 HOH WAT A . 
B 2 HOH 19 219 219 HOH WAT A . 
B 2 HOH 20 220 220 HOH WAT A . 
B 2 HOH 21 221 221 HOH WAT A . 
# 
loop_
_pdbx_unobs_or_zero_occ_atoms.id 
_pdbx_unobs_or_zero_occ_atoms.PDB_model_num 
_pdbx_unobs_or_zero_occ_atoms.polymer_flag 
_pdbx_unobs_or_zero_occ_atoms.occupancy_flag 
_pdbx_unobs_or_zero_occ_atoms.auth_asym_id 
_pdbx_unobs_or_zero_occ_atoms.auth_comp_id 
_pdbx_unobs_or_zero_occ_atoms.auth_seq_id 
_pdbx_unobs_or_zero_occ_atoms.PDB_ins_code 
_pdbx_unobs_or_zero_occ_atoms.auth_atom_id 
_pdbx_unobs_or_zero_occ_atoms.label_alt_id 
_pdbx_unobs_or_zero_occ_atoms.label_asym_id 
_pdbx_unobs_or_zero_occ_atoms.label_comp_id 
_pdbx_unobs_or_zero_occ_atoms.label_seq_id 
_pdbx_unobs_or_zero_occ_atoms.label_atom_id 
1  1 Y 0 A LYS 35  ? CG  ? A LYS 35  CG  
2  1 Y 0 A LYS 35  ? CD  ? A LYS 35  CD  
3  1 Y 0 A LYS 41  ? CE  ? A LYS 41  CE  
4  1 Y 0 A LYS 41  ? NZ  ? A LYS 41  NZ  
5  1 Y 0 A LYS 44  ? NZ  ? A LYS 44  NZ  
6  1 Y 0 A GLN 48  ? NE2 ? A GLN 48  NE2 
7  1 Y 0 A LYS 75  ? NZ  ? A LYS 75  NZ  
8  1 Y 0 A ASP 100 ? CA  ? A ASP 100 CA  
9  1 Y 0 A LYS 103 ? CD  ? A LYS 103 CD  
10 1 Y 0 A LYS 103 ? CE  ? A LYS 103 CE  
11 1 Y 0 A LYS 103 ? NZ  ? A LYS 103 NZ  
12 1 Y 0 A VAL 108 ? CG1 ? A VAL 108 CG1 
13 1 Y 0 A VAL 108 ? CG2 ? A VAL 108 CG2 
# 
loop_
_software.name 
_software.classification 
_software.version 
_software.citation_id 
_software.pdbx_ordinal 
DENZO 'data reduction' .         ? 1 
SCALA 'data scaling'   .         ? 2 
SOLVE phasing          .         ? 3 
CNS   refinement       0.9       ? 4 
CCP4  'data scaling'   '(SCALA)' ? 5 
# 
_cell.entry_id           1KX8 
_cell.length_a           69.406 
_cell.length_b           69.406 
_cell.length_c           79.645 
_cell.angle_alpha        90.00 
_cell.angle_beta         90.00 
_cell.angle_gamma        90.00 
_cell.Z_PDB              8 
_cell.pdbx_unique_axis   ? 
# 
_symmetry.entry_id                         1KX8 
_symmetry.space_group_name_H-M             'P 43 21 2' 
_symmetry.pdbx_full_space_group_name_H-M   ? 
_symmetry.cell_setting                     ? 
_symmetry.Int_Tables_number                96 
# 
_exptl.entry_id          1KX8 
_exptl.method            'X-RAY DIFFRACTION' 
_exptl.crystals_number   1 
# 
_exptl_crystal.id                    1 
_exptl_crystal.density_meas          ? 
_exptl_crystal.density_Matthews      3.66 
_exptl_crystal.density_percent_sol   66.41 
_exptl_crystal.description           ? 
# 
_exptl_crystal_grow.crystal_id      1 
_exptl_crystal_grow.method          'VAPOR DIFFUSION, HANGING DROP' 
_exptl_crystal_grow.temp            293 
_exptl_crystal_grow.temp_details    ? 
_exptl_crystal_grow.pH              8.4 
_exptl_crystal_grow.pdbx_details    
'PEG4000 30%, Sodium Acetate 0.2M, Tris O.1M, pH 8.4, VAPOR DIFFUSION, HANGING DROP, temperature 293K' 
_exptl_crystal_grow.pdbx_pH_range   ? 
# 
_diffrn.id                     1 
_diffrn.ambient_temp           100 
_diffrn.ambient_temp_details   ? 
_diffrn.crystal_id             1 
# 
_diffrn_detector.diffrn_id              1 
_diffrn_detector.detector               CCD 
_diffrn_detector.type                   MARRESEARCH 
_diffrn_detector.pdbx_collection_date   2001-10-05 
_diffrn_detector.details                ? 
# 
_diffrn_radiation.diffrn_id                        1 
_diffrn_radiation.wavelength_id                    1 
_diffrn_radiation.pdbx_monochromatic_or_laue_m_l   M 
_diffrn_radiation.monochromator                    ? 
_diffrn_radiation.pdbx_diffrn_protocol             MAD 
_diffrn_radiation.pdbx_scattering_type             x-ray 
# 
loop_
_diffrn_radiation_wavelength.id 
_diffrn_radiation_wavelength.wavelength 
_diffrn_radiation_wavelength.wt 
1 0.97888 1.0 
2 0.97909 1.0 
3 0.91839 1.0 
# 
_diffrn_source.diffrn_id                   1 
_diffrn_source.source                      SYNCHROTRON 
_diffrn_source.type                        'ESRF BEAMLINE BM14' 
_diffrn_source.pdbx_synchrotron_site       ESRF 
_diffrn_source.pdbx_synchrotron_beamline   BM14 
_diffrn_source.pdbx_wavelength             ? 
_diffrn_source.pdbx_wavelength_list        '0.97888, 0.97909, 0.91839' 
# 
_reflns.entry_id                     1KX8 
_reflns.observed_criterion_sigma_I   0.0 
_reflns.observed_criterion_sigma_F   0.0 
_reflns.d_resolution_low             20 
_reflns.d_resolution_high            2.8 
_reflns.number_obs                   5096 
_reflns.number_all                   5096 
_reflns.percent_possible_obs         100 
_reflns.pdbx_Rmerge_I_obs            0.11 
_reflns.pdbx_Rsym_value              ? 
_reflns.pdbx_netI_over_sigmaI        22 
_reflns.B_iso_Wilson_estimate        59.1 
_reflns.pdbx_redundancy              ? 
_reflns.R_free_details               ? 
_reflns.limit_h_max                  ? 
_reflns.limit_h_min                  ? 
_reflns.limit_k_max                  ? 
_reflns.limit_k_min                  ? 
_reflns.limit_l_max                  ? 
_reflns.limit_l_min                  ? 
_reflns.observed_criterion_F_max     ? 
_reflns.observed_criterion_F_min     ? 
_reflns.pdbx_diffrn_id               1 
_reflns.pdbx_ordinal                 1 
# 
_reflns_shell.d_res_high             2.8 
_reflns_shell.d_res_low              2.9 
_reflns_shell.percent_possible_all   4.6 
_reflns_shell.Rmerge_I_obs           0.32 
_reflns_shell.pdbx_Rsym_value        ? 
_reflns_shell.meanI_over_sigI_obs    4.5 
_reflns_shell.pdbx_redundancy        ? 
_reflns_shell.percent_possible_obs   ? 
_reflns_shell.number_unique_all      ? 
_reflns_shell.pdbx_diffrn_id         ? 
_reflns_shell.pdbx_ordinal           1 
# 
_refine.entry_id                                 1KX8 
_refine.ls_number_reflns_obs                     5096 
_refine.ls_number_reflns_all                     5096 
_refine.pdbx_ls_sigma_I                          ? 
_refine.pdbx_ls_sigma_F                          0.0 
_refine.pdbx_data_cutoff_high_absF               900663.34 
_refine.pdbx_data_cutoff_low_absF                0.000000 
_refine.ls_d_res_low                             19.25 
_refine.ls_d_res_high                            2.80 
_refine.ls_percent_reflns_obs                    99.1 
_refine.ls_R_factor_obs                          ? 
_refine.ls_R_factor_all                          ? 
_refine.ls_R_factor_R_work                       0.265 
_refine.ls_R_factor_R_free                       0.281 
_refine.ls_R_factor_R_free_error                 0.012 
_refine.ls_R_factor_R_free_error_details         ? 
_refine.ls_percent_reflns_R_free                 10.4 
_refine.ls_number_reflns_R_free                  529 
_refine.ls_number_parameters                     ? 
_refine.ls_number_restraints                     ? 
_refine.occupancy_min                            ? 
_refine.occupancy_max                            ? 
_refine.B_iso_mean                               37.4 
_refine.aniso_B[1][1]                            1.65 
_refine.aniso_B[2][2]                            1.65 
_refine.aniso_B[3][3]                            -3.30 
_refine.aniso_B[1][2]                            0.00 
_refine.aniso_B[1][3]                            0.00 
_refine.aniso_B[2][3]                            0.00 
_refine.solvent_model_details                    'FLAT MODEL' 
_refine.solvent_model_param_ksol                 0.326811 
_refine.solvent_model_param_bsol                 48.0129 
_refine.pdbx_ls_cross_valid_method               THROUGHOUT 
_refine.details                                  ? 
_refine.pdbx_starting_model                      ? 
_refine.pdbx_method_to_determine_struct          MAD 
_refine.pdbx_isotropic_thermal_model             RESTRAINED 
_refine.pdbx_stereochemistry_target_values       'Engh & Huber' 
_refine.pdbx_stereochem_target_val_spec_case     ? 
_refine.pdbx_R_Free_selection_details            RANDOM 
_refine.pdbx_overall_ESU_R_Free                  ? 
_refine.overall_SU_B                             ? 
_refine.ls_redundancy_reflns_obs                 ? 
_refine.B_iso_min                                ? 
_refine.B_iso_max                                ? 
_refine.correlation_coeff_Fo_to_Fc               ? 
_refine.overall_SU_R_Cruickshank_DPI             ? 
_refine.overall_SU_R_free                        ? 
_refine.overall_SU_ML                            ? 
_refine.pdbx_overall_ESU_R                       ? 
_refine.pdbx_data_cutoff_high_rms_absF           ? 
_refine.correlation_coeff_Fo_to_Fc_free          ? 
_refine.pdbx_solvent_vdw_probe_radii             ? 
_refine.pdbx_solvent_ion_probe_radii             ? 
_refine.pdbx_solvent_shrinkage_radii             ? 
_refine.pdbx_refine_id                           'X-RAY DIFFRACTION' 
_refine.pdbx_diffrn_id                           1 
_refine.pdbx_TLS_residual_ADP_flag               ? 
_refine.pdbx_overall_phase_error                 ? 
_refine.pdbx_overall_SU_R_free_Cruickshank_DPI   ? 
_refine.pdbx_overall_SU_R_Blow_DPI               ? 
_refine.pdbx_overall_SU_R_free_Blow_DPI          ? 
# 
_refine_analyze.entry_id                        1KX8 
_refine_analyze.Luzzati_coordinate_error_obs    0.38 
_refine_analyze.Luzzati_sigma_a_obs             0.41 
_refine_analyze.Luzzati_d_res_low_obs           5.00 
_refine_analyze.Luzzati_coordinate_error_free   0.46 
_refine_analyze.Luzzati_sigma_a_free            0.40 
_refine_analyze.Luzzati_d_res_low_free          ? 
_refine_analyze.number_disordered_residues      ? 
_refine_analyze.occupancy_sum_hydrogen          ? 
_refine_analyze.occupancy_sum_non_hydrogen      ? 
_refine_analyze.pdbx_Luzzati_d_res_high_obs     ? 
_refine_analyze.pdbx_refine_id                  'X-RAY DIFFRACTION' 
# 
_refine_hist.pdbx_refine_id                   'X-RAY DIFFRACTION' 
_refine_hist.cycle_id                         LAST 
_refine_hist.pdbx_number_atoms_protein        809 
_refine_hist.pdbx_number_atoms_nucleic_acid   0 
_refine_hist.pdbx_number_atoms_ligand         0 
_refine_hist.number_atoms_solvent             21 
_refine_hist.number_atoms_total               830 
_refine_hist.d_res_high                       2.80 
_refine_hist.d_res_low                        19.25 
# 
loop_
_refine_ls_restr.type 
_refine_ls_restr.dev_ideal 
_refine_ls_restr.dev_ideal_target 
_refine_ls_restr.weight 
_refine_ls_restr.number 
_refine_ls_restr.pdbx_refine_id 
_refine_ls_restr.pdbx_restraint_function 
c_bond_d           0.008 ?    ? ? 'X-RAY DIFFRACTION' ? 
c_angle_deg        1.3   ?    ? ? 'X-RAY DIFFRACTION' ? 
c_dihedral_angle_d 18.7  ?    ? ? 'X-RAY DIFFRACTION' ? 
c_improper_angle_d 0.92  ?    ? ? 'X-RAY DIFFRACTION' ? 
c_mcbond_it        1.28  1.50 ? ? 'X-RAY DIFFRACTION' ? 
c_mcangle_it       2.09  2.00 ? ? 'X-RAY DIFFRACTION' ? 
c_scbond_it        1.91  2.00 ? ? 'X-RAY DIFFRACTION' ? 
c_scangle_it       2.94  2.50 ? ? 'X-RAY DIFFRACTION' ? 
# 
_refine_ls_shell.pdbx_total_number_of_bins_used   6 
_refine_ls_shell.d_res_high                       2.80 
_refine_ls_shell.d_res_low                        2.97 
_refine_ls_shell.number_reflns_R_work             749 
_refine_ls_shell.R_factor_R_work                  0.323 
_refine_ls_shell.percent_reflns_obs               99.9 
_refine_ls_shell.R_factor_R_free                  0.328 
_refine_ls_shell.R_factor_R_free_error            0.036 
_refine_ls_shell.percent_reflns_R_free            10.1 
_refine_ls_shell.number_reflns_R_free             84 
_refine_ls_shell.number_reflns_obs                ? 
_refine_ls_shell.redundancy_reflns_obs            ? 
_refine_ls_shell.number_reflns_all                ? 
_refine_ls_shell.pdbx_refine_id                   'X-RAY DIFFRACTION' 
_refine_ls_shell.R_factor_all                     ? 
# 
loop_
_pdbx_xplor_file.serial_no 
_pdbx_xplor_file.param_file 
_pdbx_xplor_file.topol_file 
_pdbx_xplor_file.pdbx_refine_id 
1 PROTEIN_REP.PARAM PROTEIN.TOP 'X-RAY DIFFRACTION' 
2 WATER_REP.PARAM   ?           'X-RAY DIFFRACTION' 
3 ION.PARAM         ?           'X-RAY DIFFRACTION' 
# 
_struct.entry_id                  1KX8 
_struct.title                     'Antennal Chemosensory Protein A6 from Mamestra brassicae, tetragonal form' 
_struct.pdbx_model_details        ? 
_struct.pdbx_CASP_flag            ? 
_struct.pdbx_model_type_details   ? 
# 
_struct_keywords.entry_id        1KX8 
_struct_keywords.pdbx_keywords   'LIPID TRANSPORT' 
_struct_keywords.text            'ALL HELIX, LIPID TRANSPORT' 
# 
loop_
_struct_asym.id 
_struct_asym.pdbx_blank_PDB_chainid_flag 
_struct_asym.pdbx_modified 
_struct_asym.entity_id 
_struct_asym.details 
A N N 1 ? 
B N N 2 ? 
# 
_struct_ref.id                         1 
_struct_ref.db_name                    UNP 
_struct_ref.db_code                    Q9NG96_MAMBR 
_struct_ref.entity_id                  1 
_struct_ref.pdbx_seq_one_letter_code   
;EDKYTDKYDNINLDEILANKRLLVAYVNCVMERGKCSPEGKELKEHLQDAIENGCKKCTENQEKGAYRVIEHLIKNEIEI
WRELTAKYDPTGNWRKKYEDRAKAAGIVIPEE
;
_struct_ref.pdbx_align_begin           1 
_struct_ref.pdbx_db_accession          Q9NG96 
_struct_ref.pdbx_db_isoform            ? 
# 
_struct_ref_seq.align_id                      1 
_struct_ref_seq.ref_id                        1 
_struct_ref_seq.pdbx_PDB_id_code              1KX8 
_struct_ref_seq.pdbx_strand_id                A 
_struct_ref_seq.seq_align_beg                 1 
_struct_ref_seq.pdbx_seq_align_beg_ins_code   ? 
_struct_ref_seq.seq_align_end                 112 
_struct_ref_seq.pdbx_seq_align_end_ins_code   ? 
_struct_ref_seq.pdbx_db_accession             Q9NG96 
_struct_ref_seq.db_align_beg                  1 
_struct_ref_seq.pdbx_db_align_beg_ins_code    ? 
_struct_ref_seq.db_align_end                  112 
_struct_ref_seq.pdbx_db_align_end_ins_code    ? 
_struct_ref_seq.pdbx_auth_seq_align_beg       1 
_struct_ref_seq.pdbx_auth_seq_align_end       112 
# 
_pdbx_struct_assembly.id                   1 
_pdbx_struct_assembly.details              author_defined_assembly 
_pdbx_struct_assembly.method_details       ? 
_pdbx_struct_assembly.oligomeric_details   monomeric 
_pdbx_struct_assembly.oligomeric_count     1 
# 
_pdbx_struct_assembly_gen.assembly_id       1 
_pdbx_struct_assembly_gen.oper_expression   1 
_pdbx_struct_assembly_gen.asym_id_list      A,B 
# 
_pdbx_struct_oper_list.id                   1 
_pdbx_struct_oper_list.type                 'identity operation' 
_pdbx_struct_oper_list.name                 1_555 
_pdbx_struct_oper_list.symmetry_operation   x,y,z 
_pdbx_struct_oper_list.matrix[1][1]         1.0000000000 
_pdbx_struct_oper_list.matrix[1][2]         0.0000000000 
_pdbx_struct_oper_list.matrix[1][3]         0.0000000000 
_pdbx_struct_oper_list.vector[1]            0.0000000000 
_pdbx_struct_oper_list.matrix[2][1]         0.0000000000 
_pdbx_struct_oper_list.matrix[2][2]         1.0000000000 
_pdbx_struct_oper_list.matrix[2][3]         0.0000000000 
_pdbx_struct_oper_list.vector[2]            0.0000000000 
_pdbx_struct_oper_list.matrix[3][1]         0.0000000000 
_pdbx_struct_oper_list.matrix[3][2]         0.0000000000 
_pdbx_struct_oper_list.matrix[3][3]         1.0000000000 
_pdbx_struct_oper_list.vector[3]            0.0000000000 
# 
loop_
_struct_conf.conf_type_id 
_struct_conf.id 
_struct_conf.pdbx_PDB_helix_id 
_struct_conf.beg_label_comp_id 
_struct_conf.beg_label_asym_id 
_struct_conf.beg_label_seq_id 
_struct_conf.pdbx_beg_PDB_ins_code 
_struct_conf.end_label_comp_id 
_struct_conf.end_label_asym_id 
_struct_conf.end_label_seq_id 
_struct_conf.pdbx_end_PDB_ins_code 
_struct_conf.beg_auth_comp_id 
_struct_conf.beg_auth_asym_id 
_struct_conf.beg_auth_seq_id 
_struct_conf.end_auth_comp_id 
_struct_conf.end_auth_asym_id 
_struct_conf.end_auth_seq_id 
_struct_conf.pdbx_PDB_helix_class 
_struct_conf.details 
_struct_conf.pdbx_PDB_helix_length 
HELX_P HELX_P1 1 LEU A 13 ? ASN A 19  ? LEU A 13 ASN A 19  1 ? 7  
HELX_P HELX_P2 2 ASN A 19 ? MET A 31  ? ASN A 19 MET A 31  1 ? 13 
HELX_P HELX_P3 3 SER A 37 ? GLY A 54  ? SER A 37 GLY A 54  1 ? 18 
HELX_P HELX_P4 4 THR A 59 ? GLU A 77  ? THR A 59 GLU A 77  1 ? 19 
HELX_P HELX_P5 5 GLU A 77 ? ASP A 89  ? GLU A 77 ASP A 89  1 ? 13 
HELX_P HELX_P6 6 TRP A 94 ? ALA A 105 ? TRP A 94 ALA A 105 1 ? 12 
# 
_struct_conf_type.id          HELX_P 
_struct_conf_type.criteria    ? 
_struct_conf_type.reference   ? 
# 
loop_
_struct_conn.id 
_struct_conn.conn_type_id 
_struct_conn.pdbx_leaving_atom_flag 
_struct_conn.pdbx_PDB_id 
_struct_conn.ptnr1_label_asym_id 
_struct_conn.ptnr1_label_comp_id 
_struct_conn.ptnr1_label_seq_id 
_struct_conn.ptnr1_label_atom_id 
_struct_conn.pdbx_ptnr1_label_alt_id 
_struct_conn.pdbx_ptnr1_PDB_ins_code 
_struct_conn.pdbx_ptnr1_standard_comp_id 
_struct_conn.ptnr1_symmetry 
_struct_conn.ptnr2_label_asym_id 
_struct_conn.ptnr2_label_comp_id 
_struct_conn.ptnr2_label_seq_id 
_struct_conn.ptnr2_label_atom_id 
_struct_conn.pdbx_ptnr2_label_alt_id 
_struct_conn.pdbx_ptnr2_PDB_ins_code 
_struct_conn.ptnr1_auth_asym_id 
_struct_conn.ptnr1_auth_comp_id 
_struct_conn.ptnr1_auth_seq_id 
_struct_conn.ptnr2_auth_asym_id 
_struct_conn.ptnr2_auth_comp_id 
_struct_conn.ptnr2_auth_seq_id 
_struct_conn.ptnr2_symmetry 
_struct_conn.pdbx_ptnr3_label_atom_id 
_struct_conn.pdbx_ptnr3_label_seq_id 
_struct_conn.pdbx_ptnr3_label_comp_id 
_struct_conn.pdbx_ptnr3_label_asym_id 
_struct_conn.pdbx_ptnr3_label_alt_id 
_struct_conn.pdbx_ptnr3_PDB_ins_code 
_struct_conn.details 
_struct_conn.pdbx_dist_value 
_struct_conn.pdbx_value_order 
_struct_conn.pdbx_role 
disulf1 disulf ? ? A CYS 29 SG ? ? ? 1_555 A CYS 36 SG ? ? A CYS 29 A CYS 36 1_555 ? ? ? ? ? ? ? 2.036 ? ? 
disulf2 disulf ? ? A CYS 55 SG ? ? ? 1_555 A CYS 58 SG ? ? A CYS 55 A CYS 58 1_555 ? ? ? ? ? ? ? 2.036 ? ? 
# 
_struct_conn_type.id          disulf 
_struct_conn_type.criteria    ? 
_struct_conn_type.reference   ? 
# 
loop_
_pdbx_modification_feature.ordinal 
_pdbx_modification_feature.label_comp_id 
_pdbx_modification_feature.label_asym_id 
_pdbx_modification_feature.label_seq_id 
_pdbx_modification_feature.label_alt_id 
_pdbx_modification_feature.modified_residue_label_comp_id 
_pdbx_modification_feature.modified_residue_label_asym_id 
_pdbx_modification_feature.modified_residue_label_seq_id 
_pdbx_modification_feature.modified_residue_label_alt_id 
_pdbx_modification_feature.auth_comp_id 
_pdbx_modification_feature.auth_asym_id 
_pdbx_modification_feature.auth_seq_id 
_pdbx_modification_feature.PDB_ins_code 
_pdbx_modification_feature.symmetry 
_pdbx_modification_feature.modified_residue_auth_comp_id 
_pdbx_modification_feature.modified_residue_auth_asym_id 
_pdbx_modification_feature.modified_residue_auth_seq_id 
_pdbx_modification_feature.modified_residue_PDB_ins_code 
_pdbx_modification_feature.modified_residue_symmetry 
_pdbx_modification_feature.comp_id_linking_atom 
_pdbx_modification_feature.modified_residue_id_linking_atom 
_pdbx_modification_feature.modified_residue_id 
_pdbx_modification_feature.ref_pcm_id 
_pdbx_modification_feature.ref_comp_id 
_pdbx_modification_feature.type 
_pdbx_modification_feature.category 
1 CYS A 29 ? CYS A 36 ? CYS A 29 ? 1_555 CYS A 36 ? 1_555 SG SG . . . None 'Disulfide bridge' 
2 CYS A 55 ? CYS A 58 ? CYS A 55 ? 1_555 CYS A 58 ? 1_555 SG SG . . . None 'Disulfide bridge' 
# 
_pdbx_entry_details.entry_id                   1KX8 
_pdbx_entry_details.compound_details           ? 
_pdbx_entry_details.source_details             ? 
_pdbx_entry_details.nonpolymer_details         ? 
_pdbx_entry_details.sequence_details           ? 
_pdbx_entry_details.has_ligand_of_interest     ? 
_pdbx_entry_details.has_protein_modification   Y 
# 
_pdbx_validate_close_contact.id               1 
_pdbx_validate_close_contact.PDB_model_num    1 
_pdbx_validate_close_contact.auth_atom_id_1   OD1 
_pdbx_validate_close_contact.auth_asym_id_1   A 
_pdbx_validate_close_contact.auth_comp_id_1   ASN 
_pdbx_validate_close_contact.auth_seq_id_1    53 
_pdbx_validate_close_contact.PDB_ins_code_1   ? 
_pdbx_validate_close_contact.label_alt_id_1   ? 
_pdbx_validate_close_contact.auth_atom_id_2   O 
_pdbx_validate_close_contact.auth_asym_id_2   A 
_pdbx_validate_close_contact.auth_comp_id_2   HOH 
_pdbx_validate_close_contact.auth_seq_id_2    207 
_pdbx_validate_close_contact.PDB_ins_code_2   ? 
_pdbx_validate_close_contact.label_alt_id_2   ? 
_pdbx_validate_close_contact.dist             1.78 
# 
loop_
_pdbx_validate_torsion.id 
_pdbx_validate_torsion.PDB_model_num 
_pdbx_validate_torsion.auth_comp_id 
_pdbx_validate_torsion.auth_asym_id 
_pdbx_validate_torsion.auth_seq_id 
_pdbx_validate_torsion.PDB_ins_code 
_pdbx_validate_torsion.label_alt_id 
_pdbx_validate_torsion.phi 
_pdbx_validate_torsion.psi 
1 1 ASN A 12 ? ? -126.67 -165.22 
2 1 GLU A 77 ? ? -146.99 54.76   
3 1 ASP A 89 ? ? -142.86 54.34   
# 
loop_
_pdbx_unobs_or_zero_occ_residues.id 
_pdbx_unobs_or_zero_occ_residues.PDB_model_num 
_pdbx_unobs_or_zero_occ_residues.polymer_flag 
_pdbx_unobs_or_zero_occ_residues.occupancy_flag 
_pdbx_unobs_or_zero_occ_residues.auth_asym_id 
_pdbx_unobs_or_zero_occ_residues.auth_comp_id 
_pdbx_unobs_or_zero_occ_residues.auth_seq_id 
_pdbx_unobs_or_zero_occ_residues.PDB_ins_code 
_pdbx_unobs_or_zero_occ_residues.label_asym_id 
_pdbx_unobs_or_zero_occ_residues.label_comp_id 
_pdbx_unobs_or_zero_occ_residues.label_seq_id 
1  1 Y 1 A GLU 1   ? A GLU 1   
2  1 Y 1 A ASP 2   ? A ASP 2   
3  1 Y 1 A LYS 3   ? A LYS 3   
4  1 Y 1 A TYR 4   ? A TYR 4   
5  1 Y 1 A THR 5   ? A THR 5   
6  1 Y 1 A ASP 6   ? A ASP 6   
7  1 Y 1 A LYS 7   ? A LYS 7   
8  1 Y 1 A TYR 8   ? A TYR 8   
9  1 Y 1 A ASP 9   ? A ASP 9   
10 1 Y 1 A PRO 110 ? A PRO 110 
11 1 Y 1 A GLU 111 ? A GLU 111 
12 1 Y 1 A GLU 112 ? A GLU 112 
# 
loop_
_chem_comp_atom.comp_id 
_chem_comp_atom.atom_id 
_chem_comp_atom.type_symbol 
_chem_comp_atom.pdbx_aromatic_flag 
_chem_comp_atom.pdbx_stereo_config 
_chem_comp_atom.pdbx_ordinal 
ALA N    N N N 1   
ALA CA   C N S 2   
ALA C    C N N 3   
ALA O    O N N 4   
ALA CB   C N N 5   
ALA OXT  O N N 6   
ALA H    H N N 7   
ALA H2   H N N 8   
ALA HA   H N N 9   
ALA HB1  H N N 10  
ALA HB2  H N N 11  
ALA HB3  H N N 12  
ALA HXT  H N N 13  
ARG N    N N N 14  
ARG CA   C N S 15  
ARG C    C N N 16  
ARG O    O N N 17  
ARG CB   C N N 18  
ARG CG   C N N 19  
ARG CD   C N N 20  
ARG NE   N N N 21  
ARG CZ   C N N 22  
ARG NH1  N N N 23  
ARG NH2  N N N 24  
ARG OXT  O N N 25  
ARG H    H N N 26  
ARG H2   H N N 27  
ARG HA   H N N 28  
ARG HB2  H N N 29  
ARG HB3  H N N 30  
ARG HG2  H N N 31  
ARG HG3  H N N 32  
ARG HD2  H N N 33  
ARG HD3  H N N 34  
ARG HE   H N N 35  
ARG HH11 H N N 36  
ARG HH12 H N N 37  
ARG HH21 H N N 38  
ARG HH22 H N N 39  
ARG HXT  H N N 40  
ASN N    N N N 41  
ASN CA   C N S 42  
ASN C    C N N 43  
ASN O    O N N 44  
ASN CB   C N N 45  
ASN CG   C N N 46  
ASN OD1  O N N 47  
ASN ND2  N N N 48  
ASN OXT  O N N 49  
ASN H    H N N 50  
ASN H2   H N N 51  
ASN HA   H N N 52  
ASN HB2  H N N 53  
ASN HB3  H N N 54  
ASN HD21 H N N 55  
ASN HD22 H N N 56  
ASN HXT  H N N 57  
ASP N    N N N 58  
ASP CA   C N S 59  
ASP C    C N N 60  
ASP O    O N N 61  
ASP CB   C N N 62  
ASP CG   C N N 63  
ASP OD1  O N N 64  
ASP OD2  O N N 65  
ASP OXT  O N N 66  
ASP H    H N N 67  
ASP H2   H N N 68  
ASP HA   H N N 69  
ASP HB2  H N N 70  
ASP HB3  H N N 71  
ASP HD2  H N N 72  
ASP HXT  H N N 73  
CYS N    N N N 74  
CYS CA   C N R 75  
CYS C    C N N 76  
CYS O    O N N 77  
CYS CB   C N N 78  
CYS SG   S N N 79  
CYS OXT  O N N 80  
CYS H    H N N 81  
CYS H2   H N N 82  
CYS HA   H N N 83  
CYS HB2  H N N 84  
CYS HB3  H N N 85  
CYS HG   H N N 86  
CYS HXT  H N N 87  
GLN N    N N N 88  
GLN CA   C N S 89  
GLN C    C N N 90  
GLN O    O N N 91  
GLN CB   C N N 92  
GLN CG   C N N 93  
GLN CD   C N N 94  
GLN OE1  O N N 95  
GLN NE2  N N N 96  
GLN OXT  O N N 97  
GLN H    H N N 98  
GLN H2   H N N 99  
GLN HA   H N N 100 
GLN HB2  H N N 101 
GLN HB3  H N N 102 
GLN HG2  H N N 103 
GLN HG3  H N N 104 
GLN HE21 H N N 105 
GLN HE22 H N N 106 
GLN HXT  H N N 107 
GLU N    N N N 108 
GLU CA   C N S 109 
GLU C    C N N 110 
GLU O    O N N 111 
GLU CB   C N N 112 
GLU CG   C N N 113 
GLU CD   C N N 114 
GLU OE1  O N N 115 
GLU OE2  O N N 116 
GLU OXT  O N N 117 
GLU H    H N N 118 
GLU H2   H N N 119 
GLU HA   H N N 120 
GLU HB2  H N N 121 
GLU HB3  H N N 122 
GLU HG2  H N N 123 
GLU HG3  H N N 124 
GLU HE2  H N N 125 
GLU HXT  H N N 126 
GLY N    N N N 127 
GLY CA   C N N 128 
GLY C    C N N 129 
GLY O    O N N 130 
GLY OXT  O N N 131 
GLY H    H N N 132 
GLY H2   H N N 133 
GLY HA2  H N N 134 
GLY HA3  H N N 135 
GLY HXT  H N N 136 
HIS N    N N N 137 
HIS CA   C N S 138 
HIS C    C N N 139 
HIS O    O N N 140 
HIS CB   C N N 141 
HIS CG   C Y N 142 
HIS ND1  N Y N 143 
HIS CD2  C Y N 144 
HIS CE1  C Y N 145 
HIS NE2  N Y N 146 
HIS OXT  O N N 147 
HIS H    H N N 148 
HIS H2   H N N 149 
HIS HA   H N N 150 
HIS HB2  H N N 151 
HIS HB3  H N N 152 
HIS HD1  H N N 153 
HIS HD2  H N N 154 
HIS HE1  H N N 155 
HIS HE2  H N N 156 
HIS HXT  H N N 157 
HOH O    O N N 158 
HOH H1   H N N 159 
HOH H2   H N N 160 
ILE N    N N N 161 
ILE CA   C N S 162 
ILE C    C N N 163 
ILE O    O N N 164 
ILE CB   C N S 165 
ILE CG1  C N N 166 
ILE CG2  C N N 167 
ILE CD1  C N N 168 
ILE OXT  O N N 169 
ILE H    H N N 170 
ILE H2   H N N 171 
ILE HA   H N N 172 
ILE HB   H N N 173 
ILE HG12 H N N 174 
ILE HG13 H N N 175 
ILE HG21 H N N 176 
ILE HG22 H N N 177 
ILE HG23 H N N 178 
ILE HD11 H N N 179 
ILE HD12 H N N 180 
ILE HD13 H N N 181 
ILE HXT  H N N 182 
LEU N    N N N 183 
LEU CA   C N S 184 
LEU C    C N N 185 
LEU O    O N N 186 
LEU CB   C N N 187 
LEU CG   C N N 188 
LEU CD1  C N N 189 
LEU CD2  C N N 190 
LEU OXT  O N N 191 
LEU H    H N N 192 
LEU H2   H N N 193 
LEU HA   H N N 194 
LEU HB2  H N N 195 
LEU HB3  H N N 196 
LEU HG   H N N 197 
LEU HD11 H N N 198 
LEU HD12 H N N 199 
LEU HD13 H N N 200 
LEU HD21 H N N 201 
LEU HD22 H N N 202 
LEU HD23 H N N 203 
LEU HXT  H N N 204 
LYS N    N N N 205 
LYS CA   C N S 206 
LYS C    C N N 207 
LYS O    O N N 208 
LYS CB   C N N 209 
LYS CG   C N N 210 
LYS CD   C N N 211 
LYS CE   C N N 212 
LYS NZ   N N N 213 
LYS OXT  O N N 214 
LYS H    H N N 215 
LYS H2   H N N 216 
LYS HA   H N N 217 
LYS HB2  H N N 218 
LYS HB3  H N N 219 
LYS HG2  H N N 220 
LYS HG3  H N N 221 
LYS HD2  H N N 222 
LYS HD3  H N N 223 
LYS HE2  H N N 224 
LYS HE3  H N N 225 
LYS HZ1  H N N 226 
LYS HZ2  H N N 227 
LYS HZ3  H N N 228 
LYS HXT  H N N 229 
MET N    N N N 230 
MET CA   C N S 231 
MET C    C N N 232 
MET O    O N N 233 
MET CB   C N N 234 
MET CG   C N N 235 
MET SD   S N N 236 
MET CE   C N N 237 
MET OXT  O N N 238 
MET H    H N N 239 
MET H2   H N N 240 
MET HA   H N N 241 
MET HB2  H N N 242 
MET HB3  H N N 243 
MET HG2  H N N 244 
MET HG3  H N N 245 
MET HE1  H N N 246 
MET HE2  H N N 247 
MET HE3  H N N 248 
MET HXT  H N N 249 
PRO N    N N N 250 
PRO CA   C N S 251 
PRO C    C N N 252 
PRO O    O N N 253 
PRO CB   C N N 254 
PRO CG   C N N 255 
PRO CD   C N N 256 
PRO OXT  O N N 257 
PRO H    H N N 258 
PRO HA   H N N 259 
PRO HB2  H N N 260 
PRO HB3  H N N 261 
PRO HG2  H N N 262 
PRO HG3  H N N 263 
PRO HD2  H N N 264 
PRO HD3  H N N 265 
PRO HXT  H N N 266 
SER N    N N N 267 
SER CA   C N S 268 
SER C    C N N 269 
SER O    O N N 270 
SER CB   C N N 271 
SER OG   O N N 272 
SER OXT  O N N 273 
SER H    H N N 274 
SER H2   H N N 275 
SER HA   H N N 276 
SER HB2  H N N 277 
SER HB3  H N N 278 
SER HG   H N N 279 
SER HXT  H N N 280 
THR N    N N N 281 
THR CA   C N S 282 
THR C    C N N 283 
THR O    O N N 284 
THR CB   C N R 285 
THR OG1  O N N 286 
THR CG2  C N N 287 
THR OXT  O N N 288 
THR H    H N N 289 
THR H2   H N N 290 
THR HA   H N N 291 
THR HB   H N N 292 
THR HG1  H N N 293 
THR HG21 H N N 294 
THR HG22 H N N 295 
THR HG23 H N N 296 
THR HXT  H N N 297 
TRP N    N N N 298 
TRP CA   C N S 299 
TRP C    C N N 300 
TRP O    O N N 301 
TRP CB   C N N 302 
TRP CG   C Y N 303 
TRP CD1  C Y N 304 
TRP CD2  C Y N 305 
TRP NE1  N Y N 306 
TRP CE2  C Y N 307 
TRP CE3  C Y N 308 
TRP CZ2  C Y N 309 
TRP CZ3  C Y N 310 
TRP CH2  C Y N 311 
TRP OXT  O N N 312 
TRP H    H N N 313 
TRP H2   H N N 314 
TRP HA   H N N 315 
TRP HB2  H N N 316 
TRP HB3  H N N 317 
TRP HD1  H N N 318 
TRP HE1  H N N 319 
TRP HE3  H N N 320 
TRP HZ2  H N N 321 
TRP HZ3  H N N 322 
TRP HH2  H N N 323 
TRP HXT  H N N 324 
TYR N    N N N 325 
TYR CA   C N S 326 
TYR C    C N N 327 
TYR O    O N N 328 
TYR CB   C N N 329 
TYR CG   C Y N 330 
TYR CD1  C Y N 331 
TYR CD2  C Y N 332 
TYR CE1  C Y N 333 
TYR CE2  C Y N 334 
TYR CZ   C Y N 335 
TYR OH   O N N 336 
TYR OXT  O N N 337 
TYR H    H N N 338 
TYR H2   H N N 339 
TYR HA   H N N 340 
TYR HB2  H N N 341 
TYR HB3  H N N 342 
TYR HD1  H N N 343 
TYR HD2  H N N 344 
TYR HE1  H N N 345 
TYR HE2  H N N 346 
TYR HH   H N N 347 
TYR HXT  H N N 348 
VAL N    N N N 349 
VAL CA   C N S 350 
VAL C    C N N 351 
VAL O    O N N 352 
VAL CB   C N N 353 
VAL CG1  C N N 354 
VAL CG2  C N N 355 
VAL OXT  O N N 356 
VAL H    H N N 357 
VAL H2   H N N 358 
VAL HA   H N N 359 
VAL HB   H N N 360 
VAL HG11 H N N 361 
VAL HG12 H N N 362 
VAL HG13 H N N 363 
VAL HG21 H N N 364 
VAL HG22 H N N 365 
VAL HG23 H N N 366 
VAL HXT  H N N 367 
# 
loop_
_chem_comp_bond.comp_id 
_chem_comp_bond.atom_id_1 
_chem_comp_bond.atom_id_2 
_chem_comp_bond.value_order 
_chem_comp_bond.pdbx_aromatic_flag 
_chem_comp_bond.pdbx_stereo_config 
_chem_comp_bond.pdbx_ordinal 
ALA N   CA   sing N N 1   
ALA N   H    sing N N 2   
ALA N   H2   sing N N 3   
ALA CA  C    sing N N 4   
ALA CA  CB   sing N N 5   
ALA CA  HA   sing N N 6   
ALA C   O    doub N N 7   
ALA C   OXT  sing N N 8   
ALA CB  HB1  sing N N 9   
ALA CB  HB2  sing N N 10  
ALA CB  HB3  sing N N 11  
ALA OXT HXT  sing N N 12  
ARG N   CA   sing N N 13  
ARG N   H    sing N N 14  
ARG N   H2   sing N N 15  
ARG CA  C    sing N N 16  
ARG CA  CB   sing N N 17  
ARG CA  HA   sing N N 18  
ARG C   O    doub N N 19  
ARG C   OXT  sing N N 20  
ARG CB  CG   sing N N 21  
ARG CB  HB2  sing N N 22  
ARG CB  HB3  sing N N 23  
ARG CG  CD   sing N N 24  
ARG CG  HG2  sing N N 25  
ARG CG  HG3  sing N N 26  
ARG CD  NE   sing N N 27  
ARG CD  HD2  sing N N 28  
ARG CD  HD3  sing N N 29  
ARG NE  CZ   sing N N 30  
ARG NE  HE   sing N N 31  
ARG CZ  NH1  sing N N 32  
ARG CZ  NH2  doub N N 33  
ARG NH1 HH11 sing N N 34  
ARG NH1 HH12 sing N N 35  
ARG NH2 HH21 sing N N 36  
ARG NH2 HH22 sing N N 37  
ARG OXT HXT  sing N N 38  
ASN N   CA   sing N N 39  
ASN N   H    sing N N 40  
ASN N   H2   sing N N 41  
ASN CA  C    sing N N 42  
ASN CA  CB   sing N N 43  
ASN CA  HA   sing N N 44  
ASN C   O    doub N N 45  
ASN C   OXT  sing N N 46  
ASN CB  CG   sing N N 47  
ASN CB  HB2  sing N N 48  
ASN CB  HB3  sing N N 49  
ASN CG  OD1  doub N N 50  
ASN CG  ND2  sing N N 51  
ASN ND2 HD21 sing N N 52  
ASN ND2 HD22 sing N N 53  
ASN OXT HXT  sing N N 54  
ASP N   CA   sing N N 55  
ASP N   H    sing N N 56  
ASP N   H2   sing N N 57  
ASP CA  C    sing N N 58  
ASP CA  CB   sing N N 59  
ASP CA  HA   sing N N 60  
ASP C   O    doub N N 61  
ASP C   OXT  sing N N 62  
ASP CB  CG   sing N N 63  
ASP CB  HB2  sing N N 64  
ASP CB  HB3  sing N N 65  
ASP CG  OD1  doub N N 66  
ASP CG  OD2  sing N N 67  
ASP OD2 HD2  sing N N 68  
ASP OXT HXT  sing N N 69  
CYS N   CA   sing N N 70  
CYS N   H    sing N N 71  
CYS N   H2   sing N N 72  
CYS CA  C    sing N N 73  
CYS CA  CB   sing N N 74  
CYS CA  HA   sing N N 75  
CYS C   O    doub N N 76  
CYS C   OXT  sing N N 77  
CYS CB  SG   sing N N 78  
CYS CB  HB2  sing N N 79  
CYS CB  HB3  sing N N 80  
CYS SG  HG   sing N N 81  
CYS OXT HXT  sing N N 82  
GLN N   CA   sing N N 83  
GLN N   H    sing N N 84  
GLN N   H2   sing N N 85  
GLN CA  C    sing N N 86  
GLN CA  CB   sing N N 87  
GLN CA  HA   sing N N 88  
GLN C   O    doub N N 89  
GLN C   OXT  sing N N 90  
GLN CB  CG   sing N N 91  
GLN CB  HB2  sing N N 92  
GLN CB  HB3  sing N N 93  
GLN CG  CD   sing N N 94  
GLN CG  HG2  sing N N 95  
GLN CG  HG3  sing N N 96  
GLN CD  OE1  doub N N 97  
GLN CD  NE2  sing N N 98  
GLN NE2 HE21 sing N N 99  
GLN NE2 HE22 sing N N 100 
GLN OXT HXT  sing N N 101 
GLU N   CA   sing N N 102 
GLU N   H    sing N N 103 
GLU N   H2   sing N N 104 
GLU CA  C    sing N N 105 
GLU CA  CB   sing N N 106 
GLU CA  HA   sing N N 107 
GLU C   O    doub N N 108 
GLU C   OXT  sing N N 109 
GLU CB  CG   sing N N 110 
GLU CB  HB2  sing N N 111 
GLU CB  HB3  sing N N 112 
GLU CG  CD   sing N N 113 
GLU CG  HG2  sing N N 114 
GLU CG  HG3  sing N N 115 
GLU CD  OE1  doub N N 116 
GLU CD  OE2  sing N N 117 
GLU OE2 HE2  sing N N 118 
GLU OXT HXT  sing N N 119 
GLY N   CA   sing N N 120 
GLY N   H    sing N N 121 
GLY N   H2   sing N N 122 
GLY CA  C    sing N N 123 
GLY CA  HA2  sing N N 124 
GLY CA  HA3  sing N N 125 
GLY C   O    doub N N 126 
GLY C   OXT  sing N N 127 
GLY OXT HXT  sing N N 128 
HIS N   CA   sing N N 129 
HIS N   H    sing N N 130 
HIS N   H2   sing N N 131 
HIS CA  C    sing N N 132 
HIS CA  CB   sing N N 133 
HIS CA  HA   sing N N 134 
HIS C   O    doub N N 135 
HIS C   OXT  sing N N 136 
HIS CB  CG   sing N N 137 
HIS CB  HB2  sing N N 138 
HIS CB  HB3  sing N N 139 
HIS CG  ND1  sing Y N 140 
HIS CG  CD2  doub Y N 141 
HIS ND1 CE1  doub Y N 142 
HIS ND1 HD1  sing N N 143 
HIS CD2 NE2  sing Y N 144 
HIS CD2 HD2  sing N N 145 
HIS CE1 NE2  sing Y N 146 
HIS CE1 HE1  sing N N 147 
HIS NE2 HE2  sing N N 148 
HIS OXT HXT  sing N N 149 
HOH O   H1   sing N N 150 
HOH O   H2   sing N N 151 
ILE N   CA   sing N N 152 
ILE N   H    sing N N 153 
ILE N   H2   sing N N 154 
ILE CA  C    sing N N 155 
ILE CA  CB   sing N N 156 
ILE CA  HA   sing N N 157 
ILE C   O    doub N N 158 
ILE C   OXT  sing N N 159 
ILE CB  CG1  sing N N 160 
ILE CB  CG2  sing N N 161 
ILE CB  HB   sing N N 162 
ILE CG1 CD1  sing N N 163 
ILE CG1 HG12 sing N N 164 
ILE CG1 HG13 sing N N 165 
ILE CG2 HG21 sing N N 166 
ILE CG2 HG22 sing N N 167 
ILE CG2 HG23 sing N N 168 
ILE CD1 HD11 sing N N 169 
ILE CD1 HD12 sing N N 170 
ILE CD1 HD13 sing N N 171 
ILE OXT HXT  sing N N 172 
LEU N   CA   sing N N 173 
LEU N   H    sing N N 174 
LEU N   H2   sing N N 175 
LEU CA  C    sing N N 176 
LEU CA  CB   sing N N 177 
LEU CA  HA   sing N N 178 
LEU C   O    doub N N 179 
LEU C   OXT  sing N N 180 
LEU CB  CG   sing N N 181 
LEU CB  HB2  sing N N 182 
LEU CB  HB3  sing N N 183 
LEU CG  CD1  sing N N 184 
LEU CG  CD2  sing N N 185 
LEU CG  HG   sing N N 186 
LEU CD1 HD11 sing N N 187 
LEU CD1 HD12 sing N N 188 
LEU CD1 HD13 sing N N 189 
LEU CD2 HD21 sing N N 190 
LEU CD2 HD22 sing N N 191 
LEU CD2 HD23 sing N N 192 
LEU OXT HXT  sing N N 193 
LYS N   CA   sing N N 194 
LYS N   H    sing N N 195 
LYS N   H2   sing N N 196 
LYS CA  C    sing N N 197 
LYS CA  CB   sing N N 198 
LYS CA  HA   sing N N 199 
LYS C   O    doub N N 200 
LYS C   OXT  sing N N 201 
LYS CB  CG   sing N N 202 
LYS CB  HB2  sing N N 203 
LYS CB  HB3  sing N N 204 
LYS CG  CD   sing N N 205 
LYS CG  HG2  sing N N 206 
LYS CG  HG3  sing N N 207 
LYS CD  CE   sing N N 208 
LYS CD  HD2  sing N N 209 
LYS CD  HD3  sing N N 210 
LYS CE  NZ   sing N N 211 
LYS CE  HE2  sing N N 212 
LYS CE  HE3  sing N N 213 
LYS NZ  HZ1  sing N N 214 
LYS NZ  HZ2  sing N N 215 
LYS NZ  HZ3  sing N N 216 
LYS OXT HXT  sing N N 217 
MET N   CA   sing N N 218 
MET N   H    sing N N 219 
MET N   H2   sing N N 220 
MET CA  C    sing N N 221 
MET CA  CB   sing N N 222 
MET CA  HA   sing N N 223 
MET C   O    doub N N 224 
MET C   OXT  sing N N 225 
MET CB  CG   sing N N 226 
MET CB  HB2  sing N N 227 
MET CB  HB3  sing N N 228 
MET CG  SD   sing N N 229 
MET CG  HG2  sing N N 230 
MET CG  HG3  sing N N 231 
MET SD  CE   sing N N 232 
MET CE  HE1  sing N N 233 
MET CE  HE2  sing N N 234 
MET CE  HE3  sing N N 235 
MET OXT HXT  sing N N 236 
PRO N   CA   sing N N 237 
PRO N   CD   sing N N 238 
PRO N   H    sing N N 239 
PRO CA  C    sing N N 240 
PRO CA  CB   sing N N 241 
PRO CA  HA   sing N N 242 
PRO C   O    doub N N 243 
PRO C   OXT  sing N N 244 
PRO CB  CG   sing N N 245 
PRO CB  HB2  sing N N 246 
PRO CB  HB3  sing N N 247 
PRO CG  CD   sing N N 248 
PRO CG  HG2  sing N N 249 
PRO CG  HG3  sing N N 250 
PRO CD  HD2  sing N N 251 
PRO CD  HD3  sing N N 252 
PRO OXT HXT  sing N N 253 
SER N   CA   sing N N 254 
SER N   H    sing N N 255 
SER N   H2   sing N N 256 
SER CA  C    sing N N 257 
SER CA  CB   sing N N 258 
SER CA  HA   sing N N 259 
SER C   O    doub N N 260 
SER C   OXT  sing N N 261 
SER CB  OG   sing N N 262 
SER CB  HB2  sing N N 263 
SER CB  HB3  sing N N 264 
SER OG  HG   sing N N 265 
SER OXT HXT  sing N N 266 
THR N   CA   sing N N 267 
THR N   H    sing N N 268 
THR N   H2   sing N N 269 
THR CA  C    sing N N 270 
THR CA  CB   sing N N 271 
THR CA  HA   sing N N 272 
THR C   O    doub N N 273 
THR C   OXT  sing N N 274 
THR CB  OG1  sing N N 275 
THR CB  CG2  sing N N 276 
THR CB  HB   sing N N 277 
THR OG1 HG1  sing N N 278 
THR CG2 HG21 sing N N 279 
THR CG2 HG22 sing N N 280 
THR CG2 HG23 sing N N 281 
THR OXT HXT  sing N N 282 
TRP N   CA   sing N N 283 
TRP N   H    sing N N 284 
TRP N   H2   sing N N 285 
TRP CA  C    sing N N 286 
TRP CA  CB   sing N N 287 
TRP CA  HA   sing N N 288 
TRP C   O    doub N N 289 
TRP C   OXT  sing N N 290 
TRP CB  CG   sing N N 291 
TRP CB  HB2  sing N N 292 
TRP CB  HB3  sing N N 293 
TRP CG  CD1  doub Y N 294 
TRP CG  CD2  sing Y N 295 
TRP CD1 NE1  sing Y N 296 
TRP CD1 HD1  sing N N 297 
TRP CD2 CE2  doub Y N 298 
TRP CD2 CE3  sing Y N 299 
TRP NE1 CE2  sing Y N 300 
TRP NE1 HE1  sing N N 301 
TRP CE2 CZ2  sing Y N 302 
TRP CE3 CZ3  doub Y N 303 
TRP CE3 HE3  sing N N 304 
TRP CZ2 CH2  doub Y N 305 
TRP CZ2 HZ2  sing N N 306 
TRP CZ3 CH2  sing Y N 307 
TRP CZ3 HZ3  sing N N 308 
TRP CH2 HH2  sing N N 309 
TRP OXT HXT  sing N N 310 
TYR N   CA   sing N N 311 
TYR N   H    sing N N 312 
TYR N   H2   sing N N 313 
TYR CA  C    sing N N 314 
TYR CA  CB   sing N N 315 
TYR CA  HA   sing N N 316 
TYR C   O    doub N N 317 
TYR C   OXT  sing N N 318 
TYR CB  CG   sing N N 319 
TYR CB  HB2  sing N N 320 
TYR CB  HB3  sing N N 321 
TYR CG  CD1  doub Y N 322 
TYR CG  CD2  sing Y N 323 
TYR CD1 CE1  sing Y N 324 
TYR CD1 HD1  sing N N 325 
TYR CD2 CE2  doub Y N 326 
TYR CD2 HD2  sing N N 327 
TYR CE1 CZ   doub Y N 328 
TYR CE1 HE1  sing N N 329 
TYR CE2 CZ   sing Y N 330 
TYR CE2 HE2  sing N N 331 
TYR CZ  OH   sing N N 332 
TYR OH  HH   sing N N 333 
TYR OXT HXT  sing N N 334 
VAL N   CA   sing N N 335 
VAL N   H    sing N N 336 
VAL N   H2   sing N N 337 
VAL CA  C    sing N N 338 
VAL CA  CB   sing N N 339 
VAL CA  HA   sing N N 340 
VAL C   O    doub N N 341 
VAL C   OXT  sing N N 342 
VAL CB  CG1  sing N N 343 
VAL CB  CG2  sing N N 344 
VAL CB  HB   sing N N 345 
VAL CG1 HG11 sing N N 346 
VAL CG1 HG12 sing N N 347 
VAL CG1 HG13 sing N N 348 
VAL CG2 HG21 sing N N 349 
VAL CG2 HG22 sing N N 350 
VAL CG2 HG23 sing N N 351 
VAL OXT HXT  sing N N 352 
# 
_atom_sites.entry_id                    1KX8 
_atom_sites.fract_transf_matrix[1][1]   0.01088310 
_atom_sites.fract_transf_matrix[1][2]   -0.00284547 
_atom_sites.fract_transf_matrix[1][3]   -0.00900288 
_atom_sites.fract_transf_matrix[2][1]   0.00859321 
_atom_sites.fract_transf_matrix[2][2]   -0.00270735 
_atom_sites.fract_transf_matrix[2][3]   0.01124356 
_atom_sites.fract_transf_matrix[3][1]   -0.00340933 
_atom_sites.fract_transf_matrix[3][2]   -0.01208047 
_atom_sites.fract_transf_matrix[3][3]   -0.00030318 
_atom_sites.fract_transf_vector[1]      0.824702 
_atom_sites.fract_transf_vector[2]      0.495503 
_atom_sites.fract_transf_vector[3]      0.522648 
# 
loop_
_atom_type.symbol 
C 
N 
O 
S 
# 
loop_
_atom_site.group_PDB 
_atom_site.id 
_atom_site.type_symbol 
_atom_site.label_atom_id 
_atom_site.label_alt_id 
_atom_site.label_comp_id 
_atom_site.label_asym_id 
_atom_site.label_entity_id 
_atom_site.label_seq_id 
_atom_site.pdbx_PDB_ins_code 
_atom_site.Cartn_x 
_atom_site.Cartn_y 
_atom_site.Cartn_z 
_atom_site.occupancy 
_atom_site.B_iso_or_equiv 
_atom_site.pdbx_formal_charge 
_atom_site.auth_seq_id 
_atom_site.auth_comp_id 
_atom_site.auth_asym_id 
_atom_site.auth_atom_id 
_atom_site.pdbx_PDB_model_num 
ATOM   1   N N   . ASN A 1 10  ? 11.023  -10.663 12.660  1.00 52.21 ? 10  ASN A N   1 
ATOM   2   C CA  . ASN A 1 10  ? 9.830   -10.342 13.520  1.00 52.21 ? 10  ASN A CA  1 
ATOM   3   C C   . ASN A 1 10  ? 8.633   -9.764  12.740  1.00 52.21 ? 10  ASN A C   1 
ATOM   4   O O   . ASN A 1 10  ? 7.470   -10.140 12.988  1.00 52.21 ? 10  ASN A O   1 
ATOM   5   C CB  . ASN A 1 10  ? 10.222  -9.331  14.610  1.00 52.21 ? 10  ASN A CB  1 
ATOM   6   C CG  . ASN A 1 10  ? 10.767  -8.019  14.030  1.00 52.21 ? 10  ASN A CG  1 
ATOM   7   O OD1 . ASN A 1 10  ? 11.855  -7.993  13.418  1.00 52.21 ? 10  ASN A OD1 1 
ATOM   8   N ND2 . ASN A 1 10  ? 10.013  -6.925  14.211  1.00 52.21 ? 10  ASN A ND2 1 
ATOM   9   N N   . ILE A 1 11  ? 8.937   -8.860  11.807  1.00 49.36 ? 11  ILE A N   1 
ATOM   10  C CA  . ILE A 1 11  ? 7.949   -8.161  11.000  1.00 45.52 ? 11  ILE A CA  1 
ATOM   11  C C   . ILE A 1 11  ? 6.816   -8.951  10.342  1.00 46.11 ? 11  ILE A C   1 
ATOM   12  O O   . ILE A 1 11  ? 7.006   -10.031 9.788   1.00 47.69 ? 11  ILE A O   1 
ATOM   13  C CB  . ILE A 1 11  ? 8.675   -7.287  9.988   1.00 40.62 ? 11  ILE A CB  1 
ATOM   14  C CG1 . ILE A 1 11  ? 9.544   -6.296  10.764  1.00 39.35 ? 11  ILE A CG1 1 
ATOM   15  C CG2 . ILE A 1 11  ? 7.681   -6.571  9.094   1.00 40.48 ? 11  ILE A CG2 1 
ATOM   16  C CD1 . ILE A 1 11  ? 10.445  -5.471  9.918   1.00 38.35 ? 11  ILE A CD1 1 
ATOM   17  N N   . ASN A 1 12  ? 5.635   -8.342  10.427  1.00 47.85 ? 12  ASN A N   1 
ATOM   18  C CA  . ASN A 1 12  ? 4.345   -8.872  9.979   1.00 48.35 ? 12  ASN A CA  1 
ATOM   19  C C   . ASN A 1 12  ? 3.680   -7.873  9.051   1.00 48.55 ? 12  ASN A C   1 
ATOM   20  O O   . ASN A 1 12  ? 4.301   -6.923  8.594   1.00 48.29 ? 12  ASN A O   1 
ATOM   21  C CB  . ASN A 1 12  ? 3.447   -8.983  11.206  1.00 49.90 ? 12  ASN A CB  1 
ATOM   22  C CG  . ASN A 1 12  ? 2.651   -10.231 11.248  1.00 50.14 ? 12  ASN A CG  1 
ATOM   23  O OD1 . ASN A 1 12  ? 1.892   -10.534 10.334  1.00 52.21 ? 12  ASN A OD1 1 
ATOM   24  N ND2 . ASN A 1 12  ? 2.799   -10.971 12.341  1.00 52.21 ? 12  ASN A ND2 1 
ATOM   25  N N   . LEU A 1 13  ? 2.389   -8.090  8.823   1.00 46.94 ? 13  LEU A N   1 
ATOM   26  C CA  . LEU A 1 13  ? 1.565   -7.216  8.007   1.00 45.22 ? 13  LEU A CA  1 
ATOM   27  C C   . LEU A 1 13  ? 0.585   -6.610  9.008   1.00 45.99 ? 13  LEU A C   1 
ATOM   28  O O   . LEU A 1 13  ? 0.030   -5.534  8.792   1.00 48.44 ? 13  LEU A O   1 
ATOM   29  C CB  . LEU A 1 13  ? 0.824   -8.016  6.938   1.00 43.74 ? 13  LEU A CB  1 
ATOM   30  C CG  . LEU A 1 13  ? -0.044  -7.204  5.971   1.00 43.69 ? 13  LEU A CG  1 
ATOM   31  C CD1 . LEU A 1 13  ? 0.823   -6.166  5.302   1.00 43.95 ? 13  LEU A CD1 1 
ATOM   32  C CD2 . LEU A 1 13  ? -0.689  -8.108  4.921   1.00 44.75 ? 13  LEU A CD2 1 
ATOM   33  N N   . ASP A 1 14  ? 0.385   -7.320  10.116  1.00 45.35 ? 14  ASP A N   1 
ATOM   34  C CA  . ASP A 1 14  ? -0.482  -6.839  11.185  1.00 42.54 ? 14  ASP A CA  1 
ATOM   35  C C   . ASP A 1 14  ? 0.355   -5.917  12.051  1.00 40.89 ? 14  ASP A C   1 
ATOM   36  O O   . ASP A 1 14  ? -0.151  -4.943  12.587  1.00 41.19 ? 14  ASP A O   1 
ATOM   37  C CB  . ASP A 1 14  ? -0.986  -7.979  12.057  1.00 43.88 ? 14  ASP A CB  1 
ATOM   38  C CG  . ASP A 1 14  ? -1.981  -8.845  11.353  1.00 44.97 ? 14  ASP A CG  1 
ATOM   39  O OD1 . ASP A 1 14  ? -2.706  -8.322  10.487  1.00 46.16 ? 14  ASP A OD1 1 
ATOM   40  O OD2 . ASP A 1 14  ? -2.052  -10.039 11.684  1.00 46.68 ? 14  ASP A OD2 1 
ATOM   41  N N   . GLU A 1 15  ? 1.635   -6.252  12.197  1.00 37.93 ? 15  GLU A N   1 
ATOM   42  C CA  . GLU A 1 15  ? 2.560   -5.452  12.981  1.00 35.43 ? 15  GLU A CA  1 
ATOM   43  C C   . GLU A 1 15  ? 2.711   -4.107  12.305  1.00 36.24 ? 15  GLU A C   1 
ATOM   44  O O   . GLU A 1 15  ? 2.594   -3.061  12.947  1.00 34.77 ? 15  GLU A O   1 
ATOM   45  C CB  . GLU A 1 15  ? 3.932   -6.118  13.038  1.00 37.12 ? 15  GLU A CB  1 
ATOM   46  C CG  . GLU A 1 15  ? 3.977   -7.413  13.805  1.00 37.27 ? 15  GLU A CG  1 
ATOM   47  C CD  . GLU A 1 15  ? 3.567   -7.226  15.234  1.00 38.58 ? 15  GLU A CD  1 
ATOM   48  O OE1 . GLU A 1 15  ? 4.202   -6.402  15.926  1.00 38.99 ? 15  GLU A OE1 1 
ATOM   49  O OE2 . GLU A 1 15  ? 2.611   -7.899  15.657  1.00 38.89 ? 15  GLU A OE2 1 
ATOM   50  N N   . ILE A 1 16  ? 2.981   -4.155  11.000  1.00 35.70 ? 16  ILE A N   1 
ATOM   51  C CA  . ILE A 1 16  ? 3.156   -2.956  10.191  1.00 33.82 ? 16  ILE A CA  1 
ATOM   52  C C   . ILE A 1 16  ? 2.044   -1.955  10.459  1.00 34.25 ? 16  ILE A C   1 
ATOM   53  O O   . ILE A 1 16  ? 2.305   -0.791  10.755  1.00 34.82 ? 16  ILE A O   1 
ATOM   54  C CB  . ILE A 1 16  ? 3.138   -3.277  8.674   1.00 34.30 ? 16  ILE A CB  1 
ATOM   55  C CG1 . ILE A 1 16  ? 4.309   -4.189  8.310   1.00 34.02 ? 16  ILE A CG1 1 
ATOM   56  C CG2 . ILE A 1 16  ? 3.193   -1.989  7.864   1.00 32.44 ? 16  ILE A CG2 1 
ATOM   57  C CD1 . ILE A 1 16  ? 5.646   -3.662  8.747   1.00 34.36 ? 16  ILE A CD1 1 
ATOM   58  N N   . LEU A 1 17  ? 0.801   -2.413  10.359  1.00 30.84 ? 17  LEU A N   1 
ATOM   59  C CA  . LEU A 1 17  ? -0.321  -1.521  10.574  1.00 28.79 ? 17  LEU A CA  1 
ATOM   60  C C   . LEU A 1 17  ? -0.549  -1.163  12.043  1.00 28.00 ? 17  LEU A C   1 
ATOM   61  O O   . LEU A 1 17  ? -1.000  -0.067  12.362  1.00 29.41 ? 17  LEU A O   1 
ATOM   62  C CB  . LEU A 1 17  ? -1.589  -2.138  9.982   1.00 28.60 ? 17  LEU A CB  1 
ATOM   63  C CG  . LEU A 1 17  ? -1.539  -2.572  8.510   1.00 29.59 ? 17  LEU A CG  1 
ATOM   64  C CD1 . LEU A 1 17  ? -2.926  -3.016  8.067   1.00 26.43 ? 17  LEU A CD1 1 
ATOM   65  C CD2 . LEU A 1 17  ? -1.046  -1.428  7.626   1.00 28.73 ? 17  LEU A CD2 1 
ATOM   66  N N   . ALA A 1 18  ? -0.221  -2.077  12.941  1.00 26.75 ? 18  ALA A N   1 
ATOM   67  C CA  . ALA A 1 18  ? -0.432  -1.843  14.359  1.00 25.43 ? 18  ALA A CA  1 
ATOM   68  C C   . ALA A 1 18  ? 0.612   -0.950  14.990  1.00 26.35 ? 18  ALA A C   1 
ATOM   69  O O   . ALA A 1 18  ? 0.404   -0.430  16.083  1.00 27.65 ? 18  ALA A O   1 
ATOM   70  C CB  . ALA A 1 18  ? -0.478  -3.164  15.098  1.00 25.37 ? 18  ALA A CB  1 
ATOM   71  N N   . ASN A 1 19  ? 1.740   -0.774  14.320  1.00 27.13 ? 19  ASN A N   1 
ATOM   72  C CA  . ASN A 1 19  ? 2.793   0.061   14.871  1.00 26.48 ? 19  ASN A CA  1 
ATOM   73  C C   . ASN A 1 19  ? 3.232   1.073   13.840  1.00 27.00 ? 19  ASN A C   1 
ATOM   74  O O   . ASN A 1 19  ? 3.793   0.722   12.806  1.00 27.28 ? 19  ASN A O   1 
ATOM   75  C CB  . ASN A 1 19  ? 3.969   -0.807  15.316  1.00 27.11 ? 19  ASN A CB  1 
ATOM   76  C CG  . ASN A 1 19  ? 3.563   -1.846  16.350  1.00 27.27 ? 19  ASN A CG  1 
ATOM   77  O OD1 . ASN A 1 19  ? 2.950   -2.863  16.024  1.00 27.48 ? 19  ASN A OD1 1 
ATOM   78  N ND2 . ASN A 1 19  ? 3.892   -1.583  17.606  1.00 28.84 ? 19  ASN A ND2 1 
ATOM   79  N N   . LYS A 1 20  ? 2.958   2.337   14.137  1.00 26.87 ? 20  LYS A N   1 
ATOM   80  C CA  . LYS A 1 20  ? 3.275   3.449   13.258  1.00 26.51 ? 20  LYS A CA  1 
ATOM   81  C C   . LYS A 1 20  ? 4.730   3.464   12.804  1.00 27.62 ? 20  LYS A C   1 
ATOM   82  O O   . LYS A 1 20  ? 5.031   3.855   11.680  1.00 27.14 ? 20  LYS A O   1 
ATOM   83  C CB  . LYS A 1 20  ? 2.924   4.758   13.959  1.00 26.04 ? 20  LYS A CB  1 
ATOM   84  C CG  . LYS A 1 20  ? 3.198   6.000   13.142  1.00 26.11 ? 20  LYS A CG  1 
ATOM   85  C CD  . LYS A 1 20  ? 2.274   6.153   11.947  1.00 26.37 ? 20  LYS A CD  1 
ATOM   86  C CE  . LYS A 1 20  ? 2.580   7.471   11.241  1.00 29.91 ? 20  LYS A CE  1 
ATOM   87  N NZ  . LYS A 1 20  ? 1.510   7.940   10.316  1.00 31.00 ? 20  LYS A NZ  1 
ATOM   88  N N   . ARG A 1 21  ? 5.636   3.049   13.677  1.00 27.79 ? 21  ARG A N   1 
ATOM   89  C CA  . ARG A 1 21  ? 7.043   3.014   13.318  1.00 29.53 ? 21  ARG A CA  1 
ATOM   90  C C   . ARG A 1 21  ? 7.278   1.971   12.226  1.00 29.47 ? 21  ARG A C   1 
ATOM   91  O O   . ARG A 1 21  ? 7.954   2.245   11.229  1.00 30.61 ? 21  ARG A O   1 
ATOM   92  C CB  . ARG A 1 21  ? 7.894   2.686   14.537  1.00 30.65 ? 21  ARG A CB  1 
ATOM   93  C CG  . ARG A 1 21  ? 8.178   3.858   15.444  1.00 36.21 ? 21  ARG A CG  1 
ATOM   94  C CD  . ARG A 1 21  ? 8.977   3.352   16.631  1.00 39.80 ? 21  ARG A CD  1 
ATOM   95  N NE  . ARG A 1 21  ? 9.398   4.401   17.554  1.00 45.23 ? 21  ARG A NE  1 
ATOM   96  C CZ  . ARG A 1 21  ? 10.077  4.166   18.674  1.00 46.96 ? 21  ARG A CZ  1 
ATOM   97  N NH1 . ARG A 1 21  ? 10.405  2.917   19.002  1.00 47.53 ? 21  ARG A NH1 1 
ATOM   98  N NH2 . ARG A 1 21  ? 10.440  5.173   19.466  1.00 50.42 ? 21  ARG A NH2 1 
ATOM   99  N N   . LEU A 1 22  ? 6.720   0.777   12.412  1.00 27.42 ? 22  LEU A N   1 
ATOM   100 C CA  . LEU A 1 22  ? 6.868   -0.268  11.420  1.00 26.82 ? 22  LEU A CA  1 
ATOM   101 C C   . LEU A 1 22  ? 6.254   0.224   10.130  1.00 25.89 ? 22  LEU A C   1 
ATOM   102 O O   . LEU A 1 22  ? 6.788   0.004   9.047   1.00 26.17 ? 22  LEU A O   1 
ATOM   103 C CB  . LEU A 1 22  ? 6.164   -1.547  11.865  1.00 30.23 ? 22  LEU A CB  1 
ATOM   104 C CG  . LEU A 1 22  ? 6.807   -2.264  13.058  1.00 32.53 ? 22  LEU A CG  1 
ATOM   105 C CD1 . LEU A 1 22  ? 6.093   -3.589  13.311  1.00 32.40 ? 22  LEU A CD1 1 
ATOM   106 C CD2 . LEU A 1 22  ? 8.289   -2.495  12.764  1.00 30.82 ? 22  LEU A CD2 1 
ATOM   107 N N   . LEU A 1 23  ? 5.123   0.905   10.250  1.00 23.93 ? 23  LEU A N   1 
ATOM   108 C CA  . LEU A 1 23  ? 4.449   1.444   9.080   1.00 22.34 ? 23  LEU A CA  1 
ATOM   109 C C   . LEU A 1 23  ? 5.347   2.416   8.320   1.00 19.66 ? 23  LEU A C   1 
ATOM   110 O O   . LEU A 1 23  ? 5.509   2.310   7.110   1.00 22.05 ? 23  LEU A O   1 
ATOM   111 C CB  . LEU A 1 23  ? 3.160   2.167   9.487   1.00 22.04 ? 23  LEU A CB  1 
ATOM   112 C CG  . LEU A 1 23  ? 2.338   2.649   8.281   1.00 22.65 ? 23  LEU A CG  1 
ATOM   113 C CD1 . LEU A 1 23  ? 1.990   1.450   7.408   1.00 23.74 ? 23  LEU A CD1 1 
ATOM   114 C CD2 . LEU A 1 23  ? 1.091   3.365   8.731   1.00 24.21 ? 23  LEU A CD2 1 
ATOM   115 N N   . VAL A 1 24  ? 5.924   3.365   9.044   1.00 18.05 ? 24  VAL A N   1 
ATOM   116 C CA  . VAL A 1 24  ? 6.778   4.366   8.437   1.00 20.86 ? 24  VAL A CA  1 
ATOM   117 C C   . VAL A 1 24  ? 7.968   3.727   7.752   1.00 16.83 ? 24  VAL A C   1 
ATOM   118 O O   . VAL A 1 24  ? 8.258   4.040   6.606   1.00 18.52 ? 24  VAL A O   1 
ATOM   119 C CB  . VAL A 1 24  ? 7.244   5.428   9.491   1.00 18.75 ? 24  VAL A CB  1 
ATOM   120 C CG1 . VAL A 1 24  ? 8.381   6.288   8.931   1.00 15.72 ? 24  VAL A CG1 1 
ATOM   121 C CG2 . VAL A 1 24  ? 6.058   6.330   9.864   1.00 15.76 ? 24  VAL A CG2 1 
ATOM   122 N N   . ALA A 1 25  ? 8.650   2.823   8.439   1.00 16.07 ? 25  ALA A N   1 
ATOM   123 C CA  . ALA A 1 25  ? 9.797   2.147   7.844   1.00 16.58 ? 25  ALA A CA  1 
ATOM   124 C C   . ALA A 1 25  ? 9.397   1.478   6.517   1.00 17.57 ? 25  ALA A C   1 
ATOM   125 O O   . ALA A 1 25  ? 10.086  1.599   5.507   1.00 18.10 ? 25  ALA A O   1 
ATOM   126 C CB  . ALA A 1 25  ? 10.336  1.109   8.814   1.00 13.00 ? 25  ALA A CB  1 
ATOM   127 N N   . TYR A 1 26  ? 8.269   0.775   6.533   1.00 19.61 ? 26  TYR A N   1 
ATOM   128 C CA  . TYR A 1 26  ? 7.757   0.075   5.360   1.00 20.92 ? 26  TYR A CA  1 
ATOM   129 C C   . TYR A 1 26  ? 7.463   1.029   4.204   1.00 22.30 ? 26  TYR A C   1 
ATOM   130 O O   . TYR A 1 26  ? 7.827   0.764   3.062   1.00 19.74 ? 26  TYR A O   1 
ATOM   131 C CB  . TYR A 1 26  ? 6.493   -0.715  5.737   1.00 20.73 ? 26  TYR A CB  1 
ATOM   132 C CG  . TYR A 1 26  ? 5.811   -1.378  4.562   1.00 24.28 ? 26  TYR A CG  1 
ATOM   133 C CD1 . TYR A 1 26  ? 6.523   -2.212  3.686   1.00 26.62 ? 26  TYR A CD1 1 
ATOM   134 C CD2 . TYR A 1 26  ? 4.459   -1.171  4.320   1.00 23.34 ? 26  TYR A CD2 1 
ATOM   135 C CE1 . TYR A 1 26  ? 5.893   -2.821  2.595   1.00 28.73 ? 26  TYR A CE1 1 
ATOM   136 C CE2 . TYR A 1 26  ? 3.819   -1.769  3.241   1.00 27.13 ? 26  TYR A CE2 1 
ATOM   137 C CZ  . TYR A 1 26  ? 4.534   -2.596  2.379   1.00 29.89 ? 26  TYR A CZ  1 
ATOM   138 O OH  . TYR A 1 26  ? 3.867   -3.210  1.329   1.00 29.86 ? 26  TYR A OH  1 
ATOM   139 N N   . VAL A 1 27  ? 6.797   2.138   4.509   1.00 25.07 ? 27  VAL A N   1 
ATOM   140 C CA  . VAL A 1 27  ? 6.476   3.125   3.495   1.00 26.57 ? 27  VAL A CA  1 
ATOM   141 C C   . VAL A 1 27  ? 7.756   3.723   2.923   1.00 27.46 ? 27  VAL A C   1 
ATOM   142 O O   . VAL A 1 27  ? 7.849   3.955   1.723   1.00 28.02 ? 27  VAL A O   1 
ATOM   143 C CB  . VAL A 1 27  ? 5.574   4.234   4.072   1.00 26.44 ? 27  VAL A CB  1 
ATOM   144 C CG1 . VAL A 1 27  ? 5.545   5.451   3.130   1.00 23.12 ? 27  VAL A CG1 1 
ATOM   145 C CG2 . VAL A 1 27  ? 4.172   3.673   4.266   1.00 23.53 ? 27  VAL A CG2 1 
ATOM   146 N N   . ASN A 1 28  ? 8.743   3.973   3.776   1.00 28.39 ? 28  ASN A N   1 
ATOM   147 C CA  . ASN A 1 28  ? 10.000  4.513   3.292   1.00 30.47 ? 28  ASN A CA  1 
ATOM   148 C C   . ASN A 1 28  ? 10.670  3.470   2.435   1.00 30.84 ? 28  ASN A C   1 
ATOM   149 O O   . ASN A 1 28  ? 11.373  3.791   1.482   1.00 32.07 ? 28  ASN A O   1 
ATOM   150 C CB  . ASN A 1 28  ? 10.910  4.911   4.445   1.00 31.65 ? 28  ASN A CB  1 
ATOM   151 C CG  . ASN A 1 28  ? 10.597  6.282   4.957   1.00 33.54 ? 28  ASN A CG  1 
ATOM   152 O OD1 . ASN A 1 28  ? 10.564  7.240   4.191   1.00 36.29 ? 28  ASN A OD1 1 
ATOM   153 N ND2 . ASN A 1 28  ? 10.354  6.393   6.251   1.00 36.60 ? 28  ASN A ND2 1 
ATOM   154 N N   . CYS A 1 29  ? 10.456  2.211   2.780   1.00 30.66 ? 29  CYS A N   1 
ATOM   155 C CA  . CYS A 1 29  ? 11.015  1.137   1.990   1.00 32.32 ? 29  CYS A CA  1 
ATOM   156 C C   . CYS A 1 29  ? 10.324  1.116   0.614   1.00 33.09 ? 29  CYS A C   1 
ATOM   157 O O   . CYS A 1 29  ? 10.982  0.981   -0.413  1.00 33.62 ? 29  CYS A O   1 
ATOM   158 C CB  . CYS A 1 29  ? 10.808  -0.196  2.708   1.00 32.42 ? 29  CYS A CB  1 
ATOM   159 S SG  . CYS A 1 29  ? 10.743  -1.632  1.593   1.00 34.72 ? 29  CYS A SG  1 
ATOM   160 N N   . VAL A 1 30  ? 9.001   1.271   0.600   1.00 33.82 ? 30  VAL A N   1 
ATOM   161 C CA  . VAL A 1 30  ? 8.240   1.252   -0.646  1.00 34.93 ? 30  VAL A CA  1 
ATOM   162 C C   . VAL A 1 30  ? 8.510   2.469   -1.527  1.00 34.88 ? 30  VAL A C   1 
ATOM   163 O O   . VAL A 1 30  ? 8.587   2.356   -2.746  1.00 35.41 ? 30  VAL A O   1 
ATOM   164 C CB  . VAL A 1 30  ? 6.717   1.159   -0.379  1.00 35.80 ? 30  VAL A CB  1 
ATOM   165 C CG1 . VAL A 1 30  ? 5.964   1.185   -1.696  1.00 37.27 ? 30  VAL A CG1 1 
ATOM   166 C CG2 . VAL A 1 30  ? 6.385   -0.128  0.369   1.00 34.70 ? 30  VAL A CG2 1 
ATOM   167 N N   . MET A 1 31  ? 8.637   3.636   -0.910  1.00 35.27 ? 31  MET A N   1 
ATOM   168 C CA  . MET A 1 31  ? 8.921   4.860   -1.650  1.00 35.68 ? 31  MET A CA  1 
ATOM   169 C C   . MET A 1 31  ? 10.393  4.870   -2.092  1.00 37.28 ? 31  MET A C   1 
ATOM   170 O O   . MET A 1 31  ? 10.828  5.759   -2.824  1.00 37.98 ? 31  MET A O   1 
ATOM   171 C CB  . MET A 1 31  ? 8.627   6.076   -0.769  1.00 31.21 ? 31  MET A CB  1 
ATOM   172 C CG  . MET A 1 31  ? 7.182   6.163   -0.320  1.00 29.09 ? 31  MET A CG  1 
ATOM   173 S SD  . MET A 1 31  ? 6.014   6.426   -1.673  1.00 22.53 ? 31  MET A SD  1 
ATOM   174 C CE  . MET A 1 31  ? 6.294   8.138   -1.938  1.00 21.37 ? 31  MET A CE  1 
ATOM   175 N N   . GLU A 1 32  ? 11.154  3.876   -1.642  1.00 39.72 ? 32  GLU A N   1 
ATOM   176 C CA  . GLU A 1 32  ? 12.562  3.741   -1.998  1.00 41.88 ? 32  GLU A CA  1 
ATOM   177 C C   . GLU A 1 32  ? 13.436  4.856   -1.462  1.00 43.84 ? 32  GLU A C   1 
ATOM   178 O O   . GLU A 1 32  ? 14.312  5.371   -2.162  1.00 44.37 ? 32  GLU A O   1 
ATOM   179 C CB  . GLU A 1 32  ? 12.718  3.670   -3.516  1.00 43.14 ? 32  GLU A CB  1 
ATOM   180 C CG  . GLU A 1 32  ? 12.236  2.373   -4.124  1.00 44.92 ? 32  GLU A CG  1 
ATOM   181 C CD  . GLU A 1 32  ? 12.218  2.415   -5.632  1.00 45.68 ? 32  GLU A CD  1 
ATOM   182 O OE1 . GLU A 1 32  ? 11.828  1.400   -6.248  1.00 47.14 ? 32  GLU A OE1 1 
ATOM   183 O OE2 . GLU A 1 32  ? 12.586  3.470   -6.195  1.00 47.30 ? 32  GLU A OE2 1 
ATOM   184 N N   . ARG A 1 33  ? 13.199  5.236   -0.218  1.00 44.65 ? 33  ARG A N   1 
ATOM   185 C CA  . ARG A 1 33  ? 13.986  6.286   0.400   1.00 44.33 ? 33  ARG A CA  1 
ATOM   186 C C   . ARG A 1 33  ? 14.438  5.825   1.788   1.00 44.01 ? 33  ARG A C   1 
ATOM   187 O O   . ARG A 1 33  ? 14.889  6.623   2.610   1.00 45.12 ? 33  ARG A O   1 
ATOM   188 C CB  . ARG A 1 33  ? 13.155  7.558   0.482   1.00 43.24 ? 33  ARG A CB  1 
ATOM   189 C CG  . ARG A 1 33  ? 11.887  7.396   1.261   1.00 45.31 ? 33  ARG A CG  1 
ATOM   190 C CD  . ARG A 1 33  ? 10.977  8.599   1.091   1.00 48.16 ? 33  ARG A CD  1 
ATOM   191 N NE  . ARG A 1 33  ? 9.867   8.549   2.034   1.00 50.14 ? 33  ARG A NE  1 
ATOM   192 C CZ  . ARG A 1 33  ? 8.697   9.142   1.842   1.00 51.04 ? 33  ARG A CZ  1 
ATOM   193 N NH1 . ARG A 1 33  ? 8.476   9.841   0.732   1.00 52.21 ? 33  ARG A NH1 1 
ATOM   194 N NH2 . ARG A 1 33  ? 7.746   9.018   2.754   1.00 51.60 ? 33  ARG A NH2 1 
ATOM   195 N N   . GLY A 1 34  ? 14.320  4.519   2.027   1.00 41.67 ? 34  GLY A N   1 
ATOM   196 C CA  . GLY A 1 34  ? 14.714  3.933   3.293   1.00 38.43 ? 34  GLY A CA  1 
ATOM   197 C C   . GLY A 1 34  ? 14.996  2.449   3.143   1.00 37.65 ? 34  GLY A C   1 
ATOM   198 O O   . GLY A 1 34  ? 14.551  1.820   2.187   1.00 37.13 ? 34  GLY A O   1 
ATOM   199 N N   . LYS A 1 35  ? 15.742  1.886   4.083   1.00 37.08 ? 35  LYS A N   1 
ATOM   200 C CA  . LYS A 1 35  ? 16.073  0.473   4.037   1.00 37.06 ? 35  LYS A CA  1 
ATOM   201 C C   . LYS A 1 35  ? 14.813  -0.381  4.157   1.00 36.89 ? 35  LYS A C   1 
ATOM   202 O O   . LYS A 1 35  ? 13.848  0.010   4.819   1.00 36.58 ? 35  LYS A O   1 
ATOM   203 C CB  . LYS A 1 35  ? 17.038  0.108   5.169   1.00 39.34 ? 35  LYS A CB  1 
ATOM   204 C CG  . LYS A 1 35  ? 18.510  0.382   4.888   0.00 41.05 ? 35  LYS A CG  1 
ATOM   205 C CD  . LYS A 1 35  ? 18.832  1.863   4.819   0.00 42.85 ? 35  LYS A CD  1 
ATOM   206 C CE  . LYS A 1 35  ? 20.328  2.074   4.627   0.50 44.05 ? 35  LYS A CE  1 
ATOM   207 N NZ  . LYS A 1 35  ? 20.699  3.513   4.579   0.50 45.32 ? 35  LYS A NZ  1 
ATOM   208 N N   . CYS A 1 36  ? 14.823  -1.540  3.501   1.00 34.76 ? 36  CYS A N   1 
ATOM   209 C CA  . CYS A 1 36  ? 13.697  -2.459  3.552   1.00 33.47 ? 36  CYS A CA  1 
ATOM   210 C C   . CYS A 1 36  ? 14.078  -3.602  4.451   1.00 33.27 ? 36  CYS A C   1 
ATOM   211 O O   . CYS A 1 36  ? 15.243  -3.993  4.498   1.00 35.59 ? 36  CYS A O   1 
ATOM   212 C CB  . CYS A 1 36  ? 13.372  -3.035  2.180   1.00 32.94 ? 36  CYS A CB  1 
ATOM   213 S SG  . CYS A 1 36  ? 12.672  -1.872  0.985   1.00 34.21 ? 36  CYS A SG  1 
ATOM   214 N N   . SER A 1 37  ? 13.099  -4.144  5.163   1.00 31.29 ? 37  SER A N   1 
ATOM   215 C CA  . SER A 1 37  ? 13.365  -5.265  6.043   1.00 29.58 ? 37  SER A CA  1 
ATOM   216 C C   . SER A 1 37  ? 13.239  -6.499  5.173   1.00 29.67 ? 37  SER A C   1 
ATOM   217 O O   . SER A 1 37  ? 12.776  -6.412  4.039   1.00 29.02 ? 37  SER A O   1 
ATOM   218 C CB  . SER A 1 37  ? 12.351  -5.301  7.191   1.00 29.89 ? 37  SER A CB  1 
ATOM   219 O OG  . SER A 1 37  ? 11.013  -5.211  6.727   1.00 32.66 ? 37  SER A OG  1 
ATOM   220 N N   . PRO A 1 38  ? 13.665  -7.660  5.676   1.00 28.46 ? 38  PRO A N   1 
ATOM   221 C CA  . PRO A 1 38  ? 13.540  -8.849  4.836   1.00 29.39 ? 38  PRO A CA  1 
ATOM   222 C C   . PRO A 1 38  ? 12.154  -8.948  4.193   1.00 29.78 ? 38  PRO A C   1 
ATOM   223 O O   . PRO A 1 38  ? 12.039  -9.118  2.981   1.00 29.93 ? 38  PRO A O   1 
ATOM   224 C CB  . PRO A 1 38  ? 13.817  -9.990  5.813   1.00 29.11 ? 38  PRO A CB  1 
ATOM   225 C CG  . PRO A 1 38  ? 14.773  -9.387  6.759   1.00 29.17 ? 38  PRO A CG  1 
ATOM   226 C CD  . PRO A 1 38  ? 14.208  -8.003  7.001   1.00 28.40 ? 38  PRO A CD  1 
ATOM   227 N N   . GLU A 1 39  ? 11.105  -8.821  5.000   1.00 29.14 ? 39  GLU A N   1 
ATOM   228 C CA  . GLU A 1 39  ? 9.760   -8.921  4.464   1.00 31.15 ? 39  GLU A CA  1 
ATOM   229 C C   . GLU A 1 39  ? 9.265   -7.638  3.819   1.00 31.85 ? 39  GLU A C   1 
ATOM   230 O O   . GLU A 1 39  ? 8.423   -7.674  2.916   1.00 32.89 ? 39  GLU A O   1 
ATOM   231 C CB  . GLU A 1 39  ? 8.772   -9.398  5.535   1.00 30.66 ? 39  GLU A CB  1 
ATOM   232 C CG  . GLU A 1 39  ? 8.937   -8.826  6.920   1.00 34.04 ? 39  GLU A CG  1 
ATOM   233 C CD  . GLU A 1 39  ? 10.128  -9.415  7.670   1.00 34.85 ? 39  GLU A CD  1 
ATOM   234 O OE1 . GLU A 1 39  ? 11.230  -8.852  7.535   1.00 38.46 ? 39  GLU A OE1 1 
ATOM   235 O OE2 . GLU A 1 39  ? 9.961   -10.428 8.390   1.00 31.12 ? 39  GLU A OE2 1 
ATOM   236 N N   . GLY A 1 40  ? 9.788   -6.503  4.264   1.00 32.04 ? 40  GLY A N   1 
ATOM   237 C CA  . GLY A 1 40  ? 9.372   -5.248  3.669   1.00 33.49 ? 40  GLY A CA  1 
ATOM   238 C C   . GLY A 1 40  ? 9.740   -5.291  2.203   1.00 34.71 ? 40  GLY A C   1 
ATOM   239 O O   . GLY A 1 40  ? 9.024   -4.791  1.341   1.00 33.26 ? 40  GLY A O   1 
ATOM   240 N N   . LYS A 1 41  ? 10.883  -5.920  1.949   1.00 36.34 ? 41  LYS A N   1 
ATOM   241 C CA  . LYS A 1 41  ? 11.454  -6.110  0.621   1.00 36.37 ? 41  LYS A CA  1 
ATOM   242 C C   . LYS A 1 41  ? 10.463  -6.771  -0.338  1.00 36.11 ? 41  LYS A C   1 
ATOM   243 O O   . LYS A 1 41  ? 10.267  -6.304  -1.465  1.00 37.24 ? 41  LYS A O   1 
ATOM   244 C CB  . LYS A 1 41  ? 12.708  -6.979  0.749   1.00 37.47 ? 41  LYS A CB  1 
ATOM   245 C CG  . LYS A 1 41  ? 13.363  -7.365  -0.562  1.00 40.14 ? 41  LYS A CG  1 
ATOM   246 C CD  . LYS A 1 41  ? 14.420  -8.452  -0.367  1.00 40.90 ? 41  LYS A CD  1 
ATOM   247 C CE  . LYS A 1 41  ? 15.083  -8.811  -1.688  0.00 41.46 ? 41  LYS A CE  1 
ATOM   248 N NZ  . LYS A 1 41  ? 14.098  -9.292  -2.698  0.00 42.32 ? 41  LYS A NZ  1 
ATOM   249 N N   . GLU A 1 42  ? 9.841   -7.859  0.108   1.00 35.66 ? 42  GLU A N   1 
ATOM   250 C CA  . GLU A 1 42  ? 8.885   -8.582  -0.726  1.00 34.31 ? 42  GLU A CA  1 
ATOM   251 C C   . GLU A 1 42  ? 7.494   -7.976  -0.742  1.00 33.28 ? 42  GLU A C   1 
ATOM   252 O O   . GLU A 1 42  ? 6.839   -7.975  -1.781  1.00 31.65 ? 42  GLU A O   1 
ATOM   253 C CB  . GLU A 1 42  ? 8.789   -10.041 -0.288  1.00 35.71 ? 42  GLU A CB  1 
ATOM   254 C CG  . GLU A 1 42  ? 10.041  -10.851 -0.569  1.00 38.58 ? 42  GLU A CG  1 
ATOM   255 C CD  . GLU A 1 42  ? 10.480  -10.780 -2.026  1.00 40.75 ? 42  GLU A CD  1 
ATOM   256 O OE1 . GLU A 1 42  ? 9.655   -11.066 -2.928  1.00 41.02 ? 42  GLU A OE1 1 
ATOM   257 O OE2 . GLU A 1 42  ? 11.662  -10.442 -2.266  1.00 43.31 ? 42  GLU A OE2 1 
ATOM   258 N N   . LEU A 1 43  ? 7.047   -7.466  0.406   1.00 32.28 ? 43  LEU A N   1 
ATOM   259 C CA  . LEU A 1 43  ? 5.723   -6.856  0.509   1.00 31.84 ? 43  LEU A CA  1 
ATOM   260 C C   . LEU A 1 43  ? 5.656   -5.660  -0.419  1.00 32.17 ? 43  LEU A C   1 
ATOM   261 O O   . LEU A 1 43  ? 4.637   -5.402  -1.058  1.00 32.16 ? 43  LEU A O   1 
ATOM   262 C CB  . LEU A 1 43  ? 5.448   -6.421  1.951   1.00 31.28 ? 43  LEU A CB  1 
ATOM   263 C CG  . LEU A 1 43  ? 5.308   -7.566  2.960   1.00 29.70 ? 43  LEU A CG  1 
ATOM   264 C CD1 . LEU A 1 43  ? 5.136   -7.007  4.354   1.00 28.85 ? 43  LEU A CD1 1 
ATOM   265 C CD2 . LEU A 1 43  ? 4.128   -8.431  2.586   1.00 28.31 ? 43  LEU A CD2 1 
ATOM   266 N N   . LYS A 1 44  ? 6.766   -4.939  -0.482  1.00 32.66 ? 44  LYS A N   1 
ATOM   267 C CA  . LYS A 1 44  ? 6.896   -3.771  -1.330  1.00 33.56 ? 44  LYS A CA  1 
ATOM   268 C C   . LYS A 1 44  ? 6.542   -4.109  -2.788  1.00 33.85 ? 44  LYS A C   1 
ATOM   269 O O   . LYS A 1 44  ? 5.991   -3.275  -3.512  1.00 33.72 ? 44  LYS A O   1 
ATOM   270 C CB  . LYS A 1 44  ? 8.336   -3.250  -1.233  1.00 33.74 ? 44  LYS A CB  1 
ATOM   271 C CG  . LYS A 1 44  ? 8.694   -2.113  -2.184  1.00 35.87 ? 44  LYS A CG  1 
ATOM   272 C CD  . LYS A 1 44  ? 10.205  -1.882  -2.205  1.00 38.58 ? 44  LYS A CD  1 
ATOM   273 C CE  . LYS A 1 44  ? 10.615  -0.866  -3.266  1.00 39.64 ? 44  LYS A CE  1 
ATOM   274 N NZ  . LYS A 1 44  ? 12.091  -0.664  -3.298  0.00 39.23 ? 44  LYS A NZ  1 
ATOM   275 N N   . GLU A 1 45  ? 6.858   -5.334  -3.204  1.00 34.24 ? 45  GLU A N   1 
ATOM   276 C CA  . GLU A 1 45  ? 6.604   -5.801  -4.568  1.00 35.09 ? 45  GLU A CA  1 
ATOM   277 C C   . GLU A 1 45  ? 5.128   -5.887  -4.886  1.00 34.89 ? 45  GLU A C   1 
ATOM   278 O O   . GLU A 1 45  ? 4.684   -5.510  -5.966  1.00 35.22 ? 45  GLU A O   1 
ATOM   279 C CB  . GLU A 1 45  ? 7.209   -7.183  -4.775  1.00 37.91 ? 45  GLU A CB  1 
ATOM   280 C CG  . GLU A 1 45  ? 8.121   -7.286  -5.976  1.00 41.78 ? 45  GLU A CG  1 
ATOM   281 C CD  . GLU A 1 45  ? 9.369   -6.459  -5.789  1.00 44.14 ? 45  GLU A CD  1 
ATOM   282 O OE1 . GLU A 1 45  ? 9.461   -5.366  -6.389  1.00 45.11 ? 45  GLU A OE1 1 
ATOM   283 O OE2 . GLU A 1 45  ? 10.244  -6.909  -5.018  1.00 46.89 ? 45  GLU A OE2 1 
ATOM   284 N N   . HIS A 1 46  ? 4.377   -6.414  -3.932  1.00 33.64 ? 46  HIS A N   1 
ATOM   285 C CA  . HIS A 1 46  ? 2.944   -6.573  -4.070  1.00 32.52 ? 46  HIS A CA  1 
ATOM   286 C C   . HIS A 1 46  ? 2.280   -5.207  -4.182  1.00 33.64 ? 46  HIS A C   1 
ATOM   287 O O   . HIS A 1 46  ? 1.500   -4.959  -5.099  1.00 33.97 ? 46  HIS A O   1 
ATOM   288 C CB  . HIS A 1 46  ? 2.403   -7.303  -2.845  1.00 32.70 ? 46  HIS A CB  1 
ATOM   289 C CG  . HIS A 1 46  ? 3.148   -8.557  -2.511  1.00 32.92 ? 46  HIS A CG  1 
ATOM   290 N ND1 . HIS A 1 46  ? 3.023   -9.193  -1.301  1.00 32.54 ? 46  HIS A ND1 1 
ATOM   291 C CD2 . HIS A 1 46  ? 4.018   -9.295  -3.244  1.00 33.32 ? 46  HIS A CD2 1 
ATOM   292 C CE1 . HIS A 1 46  ? 3.786   -10.275 -1.295  1.00 31.84 ? 46  HIS A CE1 1 
ATOM   293 N NE2 . HIS A 1 46  ? 4.396   -10.358 -2.459  1.00 33.73 ? 46  HIS A NE2 1 
ATOM   294 N N   . LEU A 1 47  ? 2.606   -4.329  -3.237  1.00 33.61 ? 47  LEU A N   1 
ATOM   295 C CA  . LEU A 1 47  ? 2.040   -2.991  -3.180  1.00 31.92 ? 47  LEU A CA  1 
ATOM   296 C C   . LEU A 1 47  ? 2.360   -2.144  -4.404  1.00 33.08 ? 47  LEU A C   1 
ATOM   297 O O   . LEU A 1 47  ? 1.515   -1.379  -4.856  1.00 31.87 ? 47  LEU A O   1 
ATOM   298 C CB  . LEU A 1 47  ? 2.527   -2.269  -1.920  1.00 31.58 ? 47  LEU A CB  1 
ATOM   299 C CG  . LEU A 1 47  ? 1.780   -0.977  -1.577  1.00 31.75 ? 47  LEU A CG  1 
ATOM   300 C CD1 . LEU A 1 47  ? 0.332   -1.291  -1.253  1.00 29.01 ? 47  LEU A CD1 1 
ATOM   301 C CD2 . LEU A 1 47  ? 2.446   -0.293  -0.391  1.00 32.79 ? 47  LEU A CD2 1 
ATOM   302 N N   . GLN A 1 48  ? 3.572   -2.270  -4.940  1.00 33.66 ? 48  GLN A N   1 
ATOM   303 C CA  . GLN A 1 48  ? 3.942   -1.478  -6.104  1.00 35.68 ? 48  GLN A CA  1 
ATOM   304 C C   . GLN A 1 48  ? 3.089   -1.931  -7.274  1.00 36.35 ? 48  GLN A C   1 
ATOM   305 O O   . GLN A 1 48  ? 2.526   -1.111  -7.999  1.00 36.28 ? 48  GLN A O   1 
ATOM   306 C CB  . GLN A 1 48  ? 5.430   -1.646  -6.427  1.00 39.21 ? 48  GLN A CB  1 
ATOM   307 C CG  . GLN A 1 48  ? 6.111   -0.365  -6.937  1.00 44.76 ? 48  GLN A CG  1 
ATOM   308 C CD  . GLN A 1 48  ? 7.648   -0.436  -6.904  1.00 48.90 ? 48  GLN A CD  1 
ATOM   309 O OE1 . GLN A 1 48  ? 8.250   -0.833  -5.897  1.00 49.52 ? 48  GLN A OE1 1 
ATOM   310 N NE2 . GLN A 1 48  ? 8.284   -0.032  -8.006  0.00 50.55 ? 48  GLN A NE2 1 
ATOM   311 N N   . ASP A 1 49  ? 2.980   -3.247  -7.430  1.00 36.61 ? 49  ASP A N   1 
ATOM   312 C CA  . ASP A 1 49  ? 2.189   -3.851  -8.497  1.00 37.00 ? 49  ASP A CA  1 
ATOM   313 C C   . ASP A 1 49  ? 0.708   -3.477  -8.460  1.00 36.31 ? 49  ASP A C   1 
ATOM   314 O O   . ASP A 1 49  ? 0.079   -3.295  -9.502  1.00 37.99 ? 49  ASP A O   1 
ATOM   315 C CB  . ASP A 1 49  ? 2.350   -5.371  -8.453  1.00 38.27 ? 49  ASP A CB  1 
ATOM   316 C CG  . ASP A 1 49  ? 3.529   -5.855  -9.294  1.00 43.21 ? 49  ASP A CG  1 
ATOM   317 O OD1 . ASP A 1 49  ? 4.155   -6.879  -8.927  1.00 42.21 ? 49  ASP A OD1 1 
ATOM   318 O OD2 . ASP A 1 49  ? 3.815   -5.210  -10.335 1.00 44.04 ? 49  ASP A OD2 1 
ATOM   319 N N   . ALA A 1 50  ? 0.143   -3.362  -7.265  1.00 34.77 ? 50  ALA A N   1 
ATOM   320 C CA  . ALA A 1 50  ? -1.258  -3.002  -7.130  1.00 33.22 ? 50  ALA A CA  1 
ATOM   321 C C   . ALA A 1 50  ? -1.457  -1.558  -7.566  1.00 33.18 ? 50  ALA A C   1 
ATOM   322 O O   . ALA A 1 50  ? -2.373  -1.241  -8.321  1.00 34.08 ? 50  ALA A O   1 
ATOM   323 C CB  . ALA A 1 50  ? -1.706  -3.177  -5.690  1.00 31.35 ? 50  ALA A CB  1 
ATOM   324 N N   . ILE A 1 51  ? -0.588  -0.681  -7.094  1.00 32.67 ? 51  ILE A N   1 
ATOM   325 C CA  . ILE A 1 51  ? -0.698  0.722   -7.432  1.00 35.16 ? 51  ILE A CA  1 
ATOM   326 C C   . ILE A 1 51  ? -0.214  0.982   -8.857  1.00 35.83 ? 51  ILE A C   1 
ATOM   327 O O   . ILE A 1 51  ? -0.758  1.824   -9.567  1.00 34.86 ? 51  ILE A O   1 
ATOM   328 C CB  . ILE A 1 51  ? 0.100   1.582   -6.402  1.00 34.18 ? 51  ILE A CB  1 
ATOM   329 C CG1 . ILE A 1 51  ? -0.583  1.493   -5.031  1.00 31.73 ? 51  ILE A CG1 1 
ATOM   330 C CG2 . ILE A 1 51  ? 0.195   3.033   -6.863  1.00 31.88 ? 51  ILE A CG2 1 
ATOM   331 C CD1 . ILE A 1 51  ? 0.221   2.070   -3.899  1.00 32.20 ? 51  ILE A CD1 1 
ATOM   332 N N   . GLU A 1 52  ? 0.793   0.233   -9.283  1.00 38.78 ? 52  GLU A N   1 
ATOM   333 C CA  . GLU A 1 52  ? 1.351   0.414   -10.614 1.00 41.14 ? 52  GLU A CA  1 
ATOM   334 C C   . GLU A 1 52  ? 0.519   -0.230  -11.717 1.00 41.74 ? 52  GLU A C   1 
ATOM   335 O O   . GLU A 1 52  ? 0.275   0.388   -12.750 1.00 43.15 ? 52  GLU A O   1 
ATOM   336 C CB  . GLU A 1 52  ? 2.784   -0.127  -10.652 1.00 41.69 ? 52  GLU A CB  1 
ATOM   337 C CG  . GLU A 1 52  ? 3.797   0.846   -11.217 1.00 43.35 ? 52  GLU A CG  1 
ATOM   338 C CD  . GLU A 1 52  ? 5.237   0.457   -10.910 1.00 46.77 ? 52  GLU A CD  1 
ATOM   339 O OE1 . GLU A 1 52  ? 6.142   1.200   -11.336 1.00 49.07 ? 52  GLU A OE1 1 
ATOM   340 O OE2 . GLU A 1 52  ? 5.464   -0.578  -10.245 1.00 46.14 ? 52  GLU A OE2 1 
ATOM   341 N N   . ASN A 1 53  ? 0.067   -1.460  -11.501 1.00 42.54 ? 53  ASN A N   1 
ATOM   342 C CA  . ASN A 1 53  ? -0.715  -2.143  -12.520 1.00 44.02 ? 53  ASN A CA  1 
ATOM   343 C C   . ASN A 1 53  ? -1.901  -2.939  -11.984 1.00 43.31 ? 53  ASN A C   1 
ATOM   344 O O   . ASN A 1 53  ? -2.269  -3.974  -12.533 1.00 41.62 ? 53  ASN A O   1 
ATOM   345 C CB  . ASN A 1 53  ? 0.199   -3.053  -13.349 1.00 45.80 ? 53  ASN A CB  1 
ATOM   346 C CG  . ASN A 1 53  ? 0.973   -4.031  -12.496 1.00 49.23 ? 53  ASN A CG  1 
ATOM   347 O OD1 . ASN A 1 53  ? 0.396   -4.952  -11.912 1.00 49.28 ? 53  ASN A OD1 1 
ATOM   348 N ND2 . ASN A 1 53  ? 2.289   -3.830  -12.405 1.00 49.84 ? 53  ASN A ND2 1 
ATOM   349 N N   . GLY A 1 54  ? -2.500  -2.446  -10.911 1.00 44.78 ? 54  GLY A N   1 
ATOM   350 C CA  . GLY A 1 54  ? -3.661  -3.108  -10.335 1.00 46.66 ? 54  GLY A CA  1 
ATOM   351 C C   . GLY A 1 54  ? -3.486  -4.554  -9.914  1.00 46.70 ? 54  GLY A C   1 
ATOM   352 O O   . GLY A 1 54  ? -4.428  -5.339  -9.985  1.00 45.30 ? 54  GLY A O   1 
ATOM   353 N N   . CYS A 1 55  ? -2.284  -4.900  -9.465  1.00 47.07 ? 55  CYS A N   1 
ATOM   354 C CA  . CYS A 1 55  ? -1.989  -6.253  -9.018  1.00 46.85 ? 55  CYS A CA  1 
ATOM   355 C C   . CYS A 1 55  ? -2.323  -7.302  -10.075 1.00 46.67 ? 55  CYS A C   1 
ATOM   356 O O   . CYS A 1 55  ? -3.112  -8.216  -9.845  1.00 45.70 ? 55  CYS A O   1 
ATOM   357 C CB  . CYS A 1 55  ? -2.743  -6.560  -7.722  1.00 45.25 ? 55  CYS A CB  1 
ATOM   358 S SG  . CYS A 1 55  ? -1.661  -6.983  -6.315  1.00 42.87 ? 55  CYS A SG  1 
ATOM   359 N N   . LYS A 1 56  ? -1.707  -7.156  -11.239 1.00 48.09 ? 56  LYS A N   1 
ATOM   360 C CA  . LYS A 1 56  ? -1.891  -8.072  -12.358 1.00 49.68 ? 56  LYS A CA  1 
ATOM   361 C C   . LYS A 1 56  ? -1.170  -9.389  -12.033 1.00 49.97 ? 56  LYS A C   1 
ATOM   362 O O   . LYS A 1 56  ? -1.773  -10.466 -12.032 1.00 49.36 ? 56  LYS A O   1 
ATOM   363 C CB  . LYS A 1 56  ? -1.285  -7.439  -13.618 1.00 51.63 ? 56  LYS A CB  1 
ATOM   364 C CG  . LYS A 1 56  ? -1.421  -8.229  -14.917 1.00 51.73 ? 56  LYS A CG  1 
ATOM   365 C CD  . LYS A 1 56  ? -0.303  -7.842  -15.903 1.00 52.21 ? 56  LYS A CD  1 
ATOM   366 C CE  . LYS A 1 56  ? -0.190  -6.323  -16.097 1.00 52.21 ? 56  LYS A CE  1 
ATOM   367 N NZ  . LYS A 1 56  ? 0.890   -5.930  -17.055 1.00 52.21 ? 56  LYS A NZ  1 
ATOM   368 N N   . LYS A 1 57  ? 0.126   -9.278  -11.743 1.00 49.51 ? 57  LYS A N   1 
ATOM   369 C CA  . LYS A 1 57  ? 0.978   -10.422 -11.422 1.00 49.64 ? 57  LYS A CA  1 
ATOM   370 C C   . LYS A 1 57  ? 0.762   -11.022 -10.022 1.00 49.36 ? 57  LYS A C   1 
ATOM   371 O O   . LYS A 1 57  ? 1.380   -12.033 -9.682  1.00 49.65 ? 57  LYS A O   1 
ATOM   372 C CB  . LYS A 1 57  ? 2.455   -10.015 -11.527 0.50 50.59 ? 57  LYS A CB  1 
ATOM   373 C CG  . LYS A 1 57  ? 2.872   -9.329  -12.823 0.50 52.09 ? 57  LYS A CG  1 
ATOM   374 C CD  . LYS A 1 57  ? 4.366   -8.990  -12.796 0.50 51.77 ? 57  LYS A CD  1 
ATOM   375 C CE  . LYS A 1 57  ? 4.829   -8.311  -14.085 0.50 51.40 ? 57  LYS A CE  1 
ATOM   376 N NZ  . LYS A 1 57  ? 6.289   -7.998  -14.069 0.50 50.31 ? 57  LYS A NZ  1 
ATOM   377 N N   . CYS A 1 58  ? -0.101  -10.411 -9.212  1.00 47.41 ? 58  CYS A N   1 
ATOM   378 C CA  . CYS A 1 58  ? -0.313  -10.877 -7.849  1.00 43.40 ? 58  CYS A CA  1 
ATOM   379 C C   . CYS A 1 58  ? -1.123  -12.138 -7.654  1.00 42.94 ? 58  CYS A C   1 
ATOM   380 O O   . CYS A 1 58  ? -2.130  -12.360 -8.318  1.00 42.95 ? 58  CYS A O   1 
ATOM   381 C CB  . CYS A 1 58  ? -0.971  -9.795  -7.021  1.00 43.64 ? 58  CYS A CB  1 
ATOM   382 S SG  . CYS A 1 58  ? -0.222  -8.157  -7.150  1.00 42.50 ? 58  CYS A SG  1 
ATOM   383 N N   . THR A 1 59  ? -0.677  -12.953 -6.710  1.00 40.71 ? 59  THR A N   1 
ATOM   384 C CA  . THR A 1 59  ? -1.377  -14.173 -6.377  1.00 38.85 ? 59  THR A CA  1 
ATOM   385 C C   . THR A 1 59  ? -2.490  -13.693 -5.455  1.00 39.95 ? 59  THR A C   1 
ATOM   386 O O   . THR A 1 59  ? -2.507  -12.531 -5.052  1.00 40.04 ? 59  THR A O   1 
ATOM   387 C CB  . THR A 1 59  ? -0.482  -15.147 -5.608  1.00 38.63 ? 59  THR A CB  1 
ATOM   388 O OG1 . THR A 1 59  ? -0.336  -14.694 -4.261  1.00 39.20 ? 59  THR A OG1 1 
ATOM   389 C CG2 . THR A 1 59  ? 0.880   -15.230 -6.245  1.00 35.74 ? 59  THR A CG2 1 
ATOM   390 N N   . GLU A 1 60  ? -3.406  -14.586 -5.105  1.00 39.95 ? 60  GLU A N   1 
ATOM   391 C CA  . GLU A 1 60  ? -4.522  -14.224 -4.245  1.00 39.44 ? 60  GLU A CA  1 
ATOM   392 C C   . GLU A 1 60  ? -4.078  -13.546 -2.946  1.00 38.59 ? 60  GLU A C   1 
ATOM   393 O O   . GLU A 1 60  ? -4.502  -12.430 -2.656  1.00 37.69 ? 60  GLU A O   1 
ATOM   394 C CB  . GLU A 1 60  ? -5.362  -15.467 -3.949  1.00 41.39 ? 60  GLU A CB  1 
ATOM   395 C CG  . GLU A 1 60  ? -6.682  -15.187 -3.260  1.00 44.85 ? 60  GLU A CG  1 
ATOM   396 C CD  . GLU A 1 60  ? -7.574  -16.414 -3.193  1.00 48.78 ? 60  GLU A CD  1 
ATOM   397 O OE1 . GLU A 1 60  ? -8.626  -16.352 -2.521  0.50 48.76 ? 60  GLU A OE1 1 
ATOM   398 O OE2 . GLU A 1 60  ? -7.223  -17.440 -3.818  0.50 49.56 ? 60  GLU A OE2 1 
ATOM   399 N N   . ASN A 1 61  ? -3.224  -14.217 -2.175  1.00 38.16 ? 61  ASN A N   1 
ATOM   400 C CA  . ASN A 1 61  ? -2.722  -13.681 -0.910  1.00 37.01 ? 61  ASN A CA  1 
ATOM   401 C C   . ASN A 1 61  ? -2.113  -12.296 -1.052  1.00 36.28 ? 61  ASN A C   1 
ATOM   402 O O   . ASN A 1 61  ? -2.385  -11.393 -0.258  1.00 34.29 ? 61  ASN A O   1 
ATOM   403 C CB  . ASN A 1 61  ? -1.658  -14.604 -0.326  1.00 38.36 ? 61  ASN A CB  1 
ATOM   404 C CG  . ASN A 1 61  ? -2.238  -15.882 0.241   1.00 40.77 ? 61  ASN A CG  1 
ATOM   405 O OD1 . ASN A 1 61  ? -1.527  -16.665 0.887   1.00 42.11 ? 61  ASN A OD1 1 
ATOM   406 N ND2 . ASN A 1 61  ? -3.531  -16.110 0.005   1.00 38.61 ? 61  ASN A ND2 1 
ATOM   407 N N   . GLN A 1 62  ? -1.273  -12.150 -2.067  1.00 35.42 ? 62  GLN A N   1 
ATOM   408 C CA  . GLN A 1 62  ? -0.589  -10.898 -2.338  1.00 35.13 ? 62  GLN A CA  1 
ATOM   409 C C   . GLN A 1 62  ? -1.549  -9.739  -2.597  1.00 35.91 ? 62  GLN A C   1 
ATOM   410 O O   . GLN A 1 62  ? -1.318  -8.621  -2.128  1.00 37.21 ? 62  GLN A O   1 
ATOM   411 C CB  . GLN A 1 62  ? 0.361   -11.099 -3.519  1.00 33.41 ? 62  GLN A CB  1 
ATOM   412 C CG  . GLN A 1 62  ? 1.470   -12.101 -3.216  1.00 30.15 ? 62  GLN A CG  1 
ATOM   413 C CD  . GLN A 1 62  ? 2.238   -12.551 -4.442  1.00 26.85 ? 62  GLN A CD  1 
ATOM   414 O OE1 . GLN A 1 62  ? 3.152   -13.366 -4.338  1.00 25.98 ? 62  GLN A OE1 1 
ATOM   415 N NE2 . GLN A 1 62  ? 1.873   -12.029 -5.607  1.00 25.48 ? 62  GLN A NE2 1 
ATOM   416 N N   . GLU A 1 63  ? -2.620  -10.010 -3.345  1.00 36.08 ? 63  GLU A N   1 
ATOM   417 C CA  . GLU A 1 63  ? -3.636  -9.005  -3.657  1.00 35.02 ? 63  GLU A CA  1 
ATOM   418 C C   . GLU A 1 63  ? -4.354  -8.604  -2.358  1.00 33.35 ? 63  GLU A C   1 
ATOM   419 O O   . GLU A 1 63  ? -4.555  -7.427  -2.086  1.00 30.19 ? 63  GLU A O   1 
ATOM   420 C CB  . GLU A 1 63  ? -4.631  -9.592  -4.668  1.00 37.64 ? 63  GLU A CB  1 
ATOM   421 C CG  . GLU A 1 63  ? -5.656  -8.619  -5.241  1.00 42.50 ? 63  GLU A CG  1 
ATOM   422 C CD  . GLU A 1 63  ? -6.689  -8.145  -4.218  1.00 47.00 ? 63  GLU A CD  1 
ATOM   423 O OE1 . GLU A 1 63  ? -7.327  -8.992  -3.553  1.00 48.67 ? 63  GLU A OE1 1 
ATOM   424 O OE2 . GLU A 1 63  ? -6.873  -6.917  -4.090  1.00 49.14 ? 63  GLU A OE2 1 
ATOM   425 N N   . LYS A 1 64  ? -4.727  -9.600  -1.558  1.00 33.30 ? 64  LYS A N   1 
ATOM   426 C CA  . LYS A 1 64  ? -5.406  -9.369  -0.285  1.00 34.84 ? 64  LYS A CA  1 
ATOM   427 C C   . LYS A 1 64  ? -4.576  -8.485  0.631   1.00 34.59 ? 64  LYS A C   1 
ATOM   428 O O   . LYS A 1 64  ? -5.102  -7.571  1.275   1.00 35.91 ? 64  LYS A O   1 
ATOM   429 C CB  . LYS A 1 64  ? -5.679  -10.690 0.440   1.00 37.23 ? 64  LYS A CB  1 
ATOM   430 C CG  . LYS A 1 64  ? -6.841  -11.499 -0.109  1.00 40.88 ? 64  LYS A CG  1 
ATOM   431 C CD  . LYS A 1 64  ? -6.973  -12.823 0.639   0.50 43.89 ? 64  LYS A CD  1 
ATOM   432 C CE  . LYS A 1 64  ? -8.189  -13.604 0.164   0.50 45.96 ? 64  LYS A CE  1 
ATOM   433 N NZ  . LYS A 1 64  ? -8.279  -14.944 0.803   0.50 47.53 ? 64  LYS A NZ  1 
ATOM   434 N N   . GLY A 1 65  ? -3.280  -8.777  0.699   1.00 33.35 ? 65  GLY A N   1 
ATOM   435 C CA  . GLY A 1 65  ? -2.398  -8.005  1.546   1.00 30.39 ? 65  GLY A CA  1 
ATOM   436 C C   . GLY A 1 65  ? -2.225  -6.574  1.083   1.00 30.39 ? 65  GLY A C   1 
ATOM   437 O O   . GLY A 1 65  ? -2.195  -5.654  1.901   1.00 30.11 ? 65  GLY A O   1 
ATOM   438 N N   . ALA A 1 66  ? -2.118  -6.377  -0.228  1.00 28.61 ? 66  ALA A N   1 
ATOM   439 C CA  . ALA A 1 66  ? -1.913  -5.043  -0.775  1.00 28.91 ? 66  ALA A CA  1 
ATOM   440 C C   . ALA A 1 66  ? -3.128  -4.134  -0.575  1.00 28.59 ? 66  ALA A C   1 
ATOM   441 O O   . ALA A 1 66  ? -2.978  -2.985  -0.163  1.00 26.25 ? 66  ALA A O   1 
ATOM   442 C CB  . ALA A 1 66  ? -1.536  -5.138  -2.262  1.00 26.43 ? 66  ALA A CB  1 
ATOM   443 N N   . TYR A 1 67  ? -4.328  -4.640  -0.863  1.00 29.89 ? 67  TYR A N   1 
ATOM   444 C CA  . TYR A 1 67  ? -5.530  -3.837  -0.682  1.00 29.04 ? 67  TYR A CA  1 
ATOM   445 C C   . TYR A 1 67  ? -5.715  -3.620  0.808   1.00 28.38 ? 67  TYR A C   1 
ATOM   446 O O   . TYR A 1 67  ? -6.293  -2.623  1.253   1.00 27.53 ? 67  TYR A O   1 
ATOM   447 C CB  . TYR A 1 67  ? -6.785  -4.523  -1.229  1.00 29.24 ? 67  TYR A CB  1 
ATOM   448 C CG  . TYR A 1 67  ? -7.986  -3.644  -0.956  1.00 32.77 ? 67  TYR A CG  1 
ATOM   449 C CD1 . TYR A 1 67  ? -8.057  -2.361  -1.513  1.00 33.10 ? 67  TYR A CD1 1 
ATOM   450 C CD2 . TYR A 1 67  ? -8.962  -4.013  -0.027  1.00 32.45 ? 67  TYR A CD2 1 
ATOM   451 C CE1 . TYR A 1 67  ? -9.046  -1.467  -1.149  1.00 33.26 ? 67  TYR A CE1 1 
ATOM   452 C CE2 . TYR A 1 67  ? -9.964  -3.112  0.346   1.00 34.33 ? 67  TYR A CE2 1 
ATOM   453 C CZ  . TYR A 1 67  ? -9.992  -1.840  -0.223  1.00 33.16 ? 67  TYR A CZ  1 
ATOM   454 O OH  . TYR A 1 67  ? -10.949 -0.925  0.124   1.00 34.55 ? 67  TYR A OH  1 
ATOM   455 N N   . ARG A 1 68  ? -5.236  -4.590  1.573   1.00 27.70 ? 68  ARG A N   1 
ATOM   456 C CA  . ARG A 1 68  ? -5.301  -4.526  3.013   1.00 27.95 ? 68  ARG A CA  1 
ATOM   457 C C   . ARG A 1 68  ? -4.544  -3.277  3.486   1.00 28.28 ? 68  ARG A C   1 
ATOM   458 O O   . ARG A 1 68  ? -5.047  -2.525  4.313   1.00 30.21 ? 68  ARG A O   1 
ATOM   459 C CB  . ARG A 1 68  ? -4.682  -5.797  3.590   1.00 29.96 ? 68  ARG A CB  1 
ATOM   460 C CG  . ARG A 1 68  ? -4.389  -5.780  5.073   1.00 32.42 ? 68  ARG A CG  1 
ATOM   461 C CD  . ARG A 1 68  ? -5.609  -6.045  5.920   1.00 36.29 ? 68  ARG A CD  1 
ATOM   462 N NE  . ARG A 1 68  ? -5.232  -6.079  7.331   1.00 39.29 ? 68  ARG A NE  1 
ATOM   463 C CZ  . ARG A 1 68  ? -4.537  -7.059  7.903   1.00 40.04 ? 68  ARG A CZ  1 
ATOM   464 N NH1 . ARG A 1 68  ? -4.144  -8.113  7.193   1.00 37.68 ? 68  ARG A NH1 1 
ATOM   465 N NH2 . ARG A 1 68  ? -4.202  -6.958  9.184   1.00 39.87 ? 68  ARG A NH2 1 
ATOM   466 N N   . VAL A 1 69  ? -3.344  -3.033  2.966   1.00 27.23 ? 69  VAL A N   1 
ATOM   467 C CA  . VAL A 1 69  ? -2.622  -1.853  3.402   1.00 27.21 ? 69  VAL A CA  1 
ATOM   468 C C   . VAL A 1 69  ? -3.089  -0.639  2.615   1.00 25.74 ? 69  VAL A C   1 
ATOM   469 O O   . VAL A 1 69  ? -3.110  0.475   3.134   1.00 25.74 ? 69  VAL A O   1 
ATOM   470 C CB  . VAL A 1 69  ? -1.060  -2.017  3.289   1.00 27.08 ? 69  VAL A CB  1 
ATOM   471 C CG1 . VAL A 1 69  ? -0.702  -3.408  2.805   1.00 28.24 ? 69  VAL A CG1 1 
ATOM   472 C CG2 . VAL A 1 69  ? -0.457  -0.925  2.391   1.00 26.41 ? 69  VAL A CG2 1 
ATOM   473 N N   . ILE A 1 70  ? -3.472  -0.846  1.363   1.00 25.54 ? 70  ILE A N   1 
ATOM   474 C CA  . ILE A 1 70  ? -3.948  0.268   0.552   1.00 26.59 ? 70  ILE A CA  1 
ATOM   475 C C   . ILE A 1 70  ? -5.126  0.901   1.286   1.00 26.16 ? 70  ILE A C   1 
ATOM   476 O O   . ILE A 1 70  ? -5.163  2.109   1.501   1.00 25.90 ? 70  ILE A O   1 
ATOM   477 C CB  . ILE A 1 70  ? -4.420  -0.198  -0.863  1.00 25.51 ? 70  ILE A CB  1 
ATOM   478 C CG1 . ILE A 1 70  ? -3.209  -0.585  -1.721  1.00 24.13 ? 70  ILE A CG1 1 
ATOM   479 C CG2 . ILE A 1 70  ? -5.215  0.911   -1.547  1.00 21.09 ? 70  ILE A CG2 1 
ATOM   480 C CD1 . ILE A 1 70  ? -3.570  -1.287  -3.022  1.00 22.75 ? 70  ILE A CD1 1 
ATOM   481 N N   . GLU A 1 71  ? -6.077  0.073   1.692   1.00 27.33 ? 71  GLU A N   1 
ATOM   482 C CA  . GLU A 1 71  ? -7.248  0.584   2.369   1.00 29.55 ? 71  GLU A CA  1 
ATOM   483 C C   . GLU A 1 71  ? -6.885  1.268   3.668   1.00 30.13 ? 71  GLU A C   1 
ATOM   484 O O   . GLU A 1 71  ? -7.430  2.317   3.995   1.00 30.08 ? 71  GLU A O   1 
ATOM   485 C CB  . GLU A 1 71  ? -8.240  -0.535  2.644   1.00 33.21 ? 71  GLU A CB  1 
ATOM   486 C CG  . GLU A 1 71  ? -9.596  -0.010  3.089   1.00 36.65 ? 71  GLU A CG  1 
ATOM   487 C CD  . GLU A 1 71  ? -10.528 -1.100  3.564   1.00 38.28 ? 71  GLU A CD  1 
ATOM   488 O OE1 . GLU A 1 71  ? -10.268 -1.678  4.644   1.00 38.70 ? 71  GLU A OE1 1 
ATOM   489 O OE2 . GLU A 1 71  ? -11.517 -1.374  2.851   1.00 37.81 ? 71  GLU A OE2 1 
ATOM   490 N N   . HIS A 1 72  ? -5.970  0.670   4.421   1.00 31.25 ? 72  HIS A N   1 
ATOM   491 C CA  . HIS A 1 72  ? -5.544  1.260   5.684   1.00 30.97 ? 72  HIS A CA  1 
ATOM   492 C C   . HIS A 1 72  ? -4.894  2.636   5.485   1.00 31.63 ? 72  HIS A C   1 
ATOM   493 O O   . HIS A 1 72  ? -4.955  3.483   6.371   1.00 31.39 ? 72  HIS A O   1 
ATOM   494 C CB  . HIS A 1 72  ? -4.555  0.351   6.394   1.00 30.32 ? 72  HIS A CB  1 
ATOM   495 C CG  . HIS A 1 72  ? -3.960  0.967   7.619   1.00 31.46 ? 72  HIS A CG  1 
ATOM   496 N ND1 . HIS A 1 72  ? -4.424  0.699   8.888   1.00 30.19 ? 72  HIS A ND1 1 
ATOM   497 C CD2 . HIS A 1 72  ? -2.948  1.856   7.766   1.00 31.40 ? 72  HIS A CD2 1 
ATOM   498 C CE1 . HIS A 1 72  ? -3.719  1.392   9.766   1.00 30.83 ? 72  HIS A CE1 1 
ATOM   499 N NE2 . HIS A 1 72  ? -2.818  2.101   9.110   1.00 32.88 ? 72  HIS A NE2 1 
ATOM   500 N N   . LEU A 1 73  ? -4.249  2.854   4.341   1.00 30.11 ? 73  LEU A N   1 
ATOM   501 C CA  . LEU A 1 73  ? -3.634  4.149   4.100   1.00 28.36 ? 73  LEU A CA  1 
ATOM   502 C C   . LEU A 1 73  ? -4.729  5.159   3.802   1.00 29.74 ? 73  LEU A C   1 
ATOM   503 O O   . LEU A 1 73  ? -4.743  6.262   4.348   1.00 29.09 ? 73  LEU A O   1 
ATOM   504 C CB  . LEU A 1 73  ? -2.649  4.077   2.936   1.00 26.67 ? 73  LEU A CB  1 
ATOM   505 C CG  . LEU A 1 73  ? -1.389  3.251   3.216   1.00 28.35 ? 73  LEU A CG  1 
ATOM   506 C CD1 . LEU A 1 73  ? -0.513  3.173   1.967   1.00 26.56 ? 73  LEU A CD1 1 
ATOM   507 C CD2 . LEU A 1 73  ? -0.623  3.872   4.378   1.00 25.16 ? 73  LEU A CD2 1 
ATOM   508 N N   . ILE A 1 74  ? -5.668  4.771   2.951   1.00 29.62 ? 74  ILE A N   1 
ATOM   509 C CA  . ILE A 1 74  ? -6.756  5.667   2.595   1.00 30.18 ? 74  ILE A CA  1 
ATOM   510 C C   . ILE A 1 74  ? -7.491  6.134   3.846   1.00 33.75 ? 74  ILE A C   1 
ATOM   511 O O   . ILE A 1 74  ? -7.812  7.311   3.992   1.00 35.03 ? 74  ILE A O   1 
ATOM   512 C CB  . ILE A 1 74  ? -7.749  4.981   1.639   1.00 29.91 ? 74  ILE A CB  1 
ATOM   513 C CG1 . ILE A 1 74  ? -7.054  4.693   0.300   1.00 28.92 ? 74  ILE A CG1 1 
ATOM   514 C CG2 . ILE A 1 74  ? -8.999  5.842   1.477   1.00 28.19 ? 74  ILE A CG2 1 
ATOM   515 C CD1 . ILE A 1 74  ? -7.887  3.899   -0.681  1.00 24.42 ? 74  ILE A CD1 1 
ATOM   516 N N   . LYS A 1 75  ? -7.737  5.205   4.760   1.00 35.23 ? 75  LYS A N   1 
ATOM   517 C CA  . LYS A 1 75  ? -8.442  5.524   5.993   1.00 34.71 ? 75  LYS A CA  1 
ATOM   518 C C   . LYS A 1 75  ? -7.617  6.236   7.058   1.00 34.98 ? 75  LYS A C   1 
ATOM   519 O O   . LYS A 1 75  ? -8.073  7.225   7.601   1.00 35.73 ? 75  LYS A O   1 
ATOM   520 C CB  . LYS A 1 75  ? -9.037  4.253   6.599   1.00 34.76 ? 75  LYS A CB  1 
ATOM   521 C CG  . LYS A 1 75  ? -9.639  4.434   7.974   1.00 36.69 ? 75  LYS A CG  1 
ATOM   522 C CD  . LYS A 1 75  ? -10.370 3.164   8.419   1.00 41.02 ? 75  LYS A CD  1 
ATOM   523 C CE  . LYS A 1 75  ? -10.947 3.283   9.834   1.00 41.19 ? 75  LYS A CE  1 
ATOM   524 N NZ  . LYS A 1 75  ? -11.616 2.024   10.265  0.00 41.66 ? 75  LYS A NZ  1 
ATOM   525 N N   . ASN A 1 76  ? -6.402  5.763   7.333   1.00 34.37 ? 76  ASN A N   1 
ATOM   526 C CA  . ASN A 1 76  ? -5.573  6.341   8.398   1.00 32.09 ? 76  ASN A CA  1 
ATOM   527 C C   . ASN A 1 76  ? -4.326  7.148   8.057   1.00 30.97 ? 76  ASN A C   1 
ATOM   528 O O   . ASN A 1 76  ? -3.722  7.748   8.947   1.00 29.24 ? 76  ASN A O   1 
ATOM   529 C CB  . ASN A 1 76  ? -5.173  5.225   9.357   1.00 33.45 ? 76  ASN A CB  1 
ATOM   530 C CG  . ASN A 1 76  ? -6.340  4.347   9.729   1.00 32.86 ? 76  ASN A CG  1 
ATOM   531 O OD1 . ASN A 1 76  ? -7.302  4.805   10.339  1.00 35.52 ? 76  ASN A OD1 1 
ATOM   532 N ND2 . ASN A 1 76  ? -6.272  3.080   9.355   1.00 32.16 ? 76  ASN A ND2 1 
ATOM   533 N N   . GLU A 1 77  ? -3.933  7.162   6.790   1.00 30.97 ? 77  GLU A N   1 
ATOM   534 C CA  . GLU A 1 77  ? -2.745  7.904   6.366   1.00 29.94 ? 77  GLU A CA  1 
ATOM   535 C C   . GLU A 1 77  ? -2.973  8.425   4.956   1.00 29.20 ? 77  GLU A C   1 
ATOM   536 O O   . GLU A 1 77  ? -2.173  8.169   4.056   1.00 27.25 ? 77  GLU A O   1 
ATOM   537 C CB  . GLU A 1 77  ? -1.520  6.982   6.365   1.00 29.62 ? 77  GLU A CB  1 
ATOM   538 C CG  . GLU A 1 77  ? -1.274  6.255   7.667   1.00 29.98 ? 77  GLU A CG  1 
ATOM   539 C CD  . GLU A 1 77  ? -0.885  7.191   8.800   1.00 31.22 ? 77  GLU A CD  1 
ATOM   540 O OE1 . GLU A 1 77  ? -0.541  6.687   9.892   1.00 30.43 ? 77  GLU A OE1 1 
ATOM   541 O OE2 . GLU A 1 77  ? -0.923  8.424   8.599   1.00 32.93 ? 77  GLU A OE2 1 
ATOM   542 N N   . ILE A 1 78  ? -4.064  9.156   4.763   1.00 29.06 ? 78  ILE A N   1 
ATOM   543 C CA  . ILE A 1 78  ? -4.402  9.667   3.439   1.00 30.17 ? 78  ILE A CA  1 
ATOM   544 C C   . ILE A 1 78  ? -3.282  10.430  2.721   1.00 29.30 ? 78  ILE A C   1 
ATOM   545 O O   . ILE A 1 78  ? -3.277  10.510  1.496   1.00 30.12 ? 78  ILE A O   1 
ATOM   546 C CB  . ILE A 1 78  ? -5.655  10.545  3.499   1.00 28.67 ? 78  ILE A CB  1 
ATOM   547 C CG1 . ILE A 1 78  ? -6.172  10.834  2.080   1.00 29.05 ? 78  ILE A CG1 1 
ATOM   548 C CG2 . ILE A 1 78  ? -5.332  11.819  4.229   1.00 29.83 ? 78  ILE A CG2 1 
ATOM   549 C CD1 . ILE A 1 78  ? -6.602  9.603   1.278   1.00 23.79 ? 78  ILE A CD1 1 
ATOM   550 N N   . GLU A 1 79  ? -2.334  10.985  3.466   1.00 30.52 ? 79  GLU A N   1 
ATOM   551 C CA  . GLU A 1 79  ? -1.230  11.699  2.833   1.00 31.83 ? 79  GLU A CA  1 
ATOM   552 C C   . GLU A 1 79  ? -0.156  10.715  2.342   1.00 30.16 ? 79  GLU A C   1 
ATOM   553 O O   . GLU A 1 79  ? 0.486   10.948  1.311   1.00 30.95 ? 79  GLU A O   1 
ATOM   554 C CB  . GLU A 1 79  ? -0.623  12.719  3.797   1.00 33.97 ? 79  GLU A CB  1 
ATOM   555 C CG  . GLU A 1 79  ? 0.572   13.450  3.208   1.00 41.50 ? 79  GLU A CG  1 
ATOM   556 C CD  . GLU A 1 79  ? 0.921   14.724  3.951   1.00 45.54 ? 79  GLU A CD  1 
ATOM   557 O OE1 . GLU A 1 79  ? 0.068   15.635  3.994   1.00 47.99 ? 79  GLU A OE1 1 
ATOM   558 O OE2 . GLU A 1 79  ? 2.046   14.822  4.486   1.00 47.00 ? 79  GLU A OE2 1 
ATOM   559 N N   . ILE A 1 80  ? 0.045   9.624   3.079   1.00 28.40 ? 80  ILE A N   1 
ATOM   560 C CA  . ILE A 1 80  ? 1.012   8.607   2.680   1.00 28.76 ? 80  ILE A CA  1 
ATOM   561 C C   . ILE A 1 80  ? 0.455   7.980   1.401   1.00 28.56 ? 80  ILE A C   1 
ATOM   562 O O   . ILE A 1 80  ? 1.196   7.601   0.499   1.00 29.04 ? 80  ILE A O   1 
ATOM   563 C CB  . ILE A 1 80  ? 1.152   7.492   3.746   1.00 29.84 ? 80  ILE A CB  1 
ATOM   564 C CG1 . ILE A 1 80  ? 1.833   8.027   5.011   1.00 29.59 ? 80  ILE A CG1 1 
ATOM   565 C CG2 . ILE A 1 80  ? 1.937   6.328   3.176   1.00 28.75 ? 80  ILE A CG2 1 
ATOM   566 C CD1 . ILE A 1 80  ? 3.268   8.404   4.811   1.00 32.21 ? 80  ILE A CD1 1 
ATOM   567 N N   . TRP A 1 81  ? -0.868  7.890   1.337   1.00 28.11 ? 81  TRP A N   1 
ATOM   568 C CA  . TRP A 1 81  ? -1.553  7.319   0.189   1.00 27.38 ? 81  TRP A CA  1 
ATOM   569 C C   . TRP A 1 81  ? -1.444  8.222   -1.030  1.00 27.24 ? 81  TRP A C   1 
ATOM   570 O O   . TRP A 1 81  ? -1.217  7.750   -2.141  1.00 27.32 ? 81  TRP A O   1 
ATOM   571 C CB  . TRP A 1 81  ? -3.023  7.067   0.536   1.00 26.75 ? 81  TRP A CB  1 
ATOM   572 C CG  . TRP A 1 81  ? -3.894  6.868   -0.663  1.00 28.87 ? 81  TRP A CG  1 
ATOM   573 C CD1 . TRP A 1 81  ? -4.802  7.754   -1.176  1.00 30.61 ? 81  TRP A CD1 1 
ATOM   574 C CD2 . TRP A 1 81  ? -3.921  5.730   -1.522  1.00 29.31 ? 81  TRP A CD2 1 
ATOM   575 N NE1 . TRP A 1 81  ? -5.389  7.241   -2.302  1.00 28.66 ? 81  TRP A NE1 1 
ATOM   576 C CE2 . TRP A 1 81  ? -4.866  5.999   -2.542  1.00 30.34 ? 81  TRP A CE2 1 
ATOM   577 C CE3 . TRP A 1 81  ? -3.233  4.511   -1.542  1.00 29.71 ? 81  TRP A CE3 1 
ATOM   578 C CZ2 . TRP A 1 81  ? -5.150  5.085   -3.564  1.00 29.70 ? 81  TRP A CZ2 1 
ATOM   579 C CZ3 . TRP A 1 81  ? -3.510  3.608   -2.556  1.00 30.13 ? 81  TRP A CZ3 1 
ATOM   580 C CH2 . TRP A 1 81  ? -4.460  3.902   -3.557  1.00 31.15 ? 81  TRP A CH2 1 
ATOM   581 N N   . ARG A 1 82  ? -1.608  9.523   -0.826  1.00 27.45 ? 82  ARG A N   1 
ATOM   582 C CA  . ARG A 1 82  ? -1.523  10.475  -1.926  1.00 27.43 ? 82  ARG A CA  1 
ATOM   583 C C   . ARG A 1 82  ? -0.149  10.457  -2.583  1.00 28.49 ? 82  ARG A C   1 
ATOM   584 O O   . ARG A 1 82  ? -0.027  10.688  -3.787  1.00 26.95 ? 82  ARG A O   1 
ATOM   585 C CB  . ARG A 1 82  ? -1.839  11.891  -1.435  1.00 28.42 ? 82  ARG A CB  1 
ATOM   586 C CG  . ARG A 1 82  ? -3.308  12.137  -1.164  1.00 27.75 ? 82  ARG A CG  1 
ATOM   587 C CD  . ARG A 1 82  ? -3.694  13.542  -1.602  1.00 30.21 ? 82  ARG A CD  1 
ATOM   588 N NE  . ARG A 1 82  ? -3.581  14.533  -0.540  1.00 30.64 ? 82  ARG A NE  1 
ATOM   589 C CZ  . ARG A 1 82  ? -3.429  15.837  -0.744  1.00 30.61 ? 82  ARG A CZ  1 
ATOM   590 N NH1 . ARG A 1 82  ? -3.357  16.326  -1.971  1.00 33.18 ? 82  ARG A NH1 1 
ATOM   591 N NH2 . ARG A 1 82  ? -3.373  16.658  0.284   1.00 31.89 ? 82  ARG A NH2 1 
ATOM   592 N N   . GLU A 1 83  ? 0.881   10.186  -1.781  1.00 30.95 ? 83  GLU A N   1 
ATOM   593 C CA  . GLU A 1 83  ? 2.257   10.125  -2.270  1.00 32.31 ? 83  GLU A CA  1 
ATOM   594 C C   . GLU A 1 83  ? 2.562   8.787   -2.922  1.00 33.28 ? 83  GLU A C   1 
ATOM   595 O O   . GLU A 1 83  ? 3.346   8.719   -3.870  1.00 33.13 ? 83  GLU A O   1 
ATOM   596 C CB  . GLU A 1 83  ? 3.236   10.330  -1.130  1.00 34.23 ? 83  GLU A CB  1 
ATOM   597 C CG  . GLU A 1 83  ? 3.131   11.664  -0.461  1.00 40.27 ? 83  GLU A CG  1 
ATOM   598 C CD  . GLU A 1 83  ? 4.105   11.793  0.691   1.00 44.80 ? 83  GLU A CD  1 
ATOM   599 O OE1 . GLU A 1 83  ? 4.034   12.825  1.404   1.00 46.67 ? 83  GLU A OE1 1 
ATOM   600 O OE2 . GLU A 1 83  ? 4.932   10.860  0.874   1.00 44.37 ? 83  GLU A OE2 1 
ATOM   601 N N   . LEU A 1 84  ? 1.959   7.724   -2.397  1.00 33.05 ? 84  LEU A N   1 
ATOM   602 C CA  . LEU A 1 84  ? 2.173   6.390   -2.932  1.00 32.94 ? 84  LEU A CA  1 
ATOM   603 C C   . LEU A 1 84  ? 1.698   6.331   -4.366  1.00 33.07 ? 84  LEU A C   1 
ATOM   604 O O   . LEU A 1 84  ? 2.441   5.915   -5.249  1.00 33.70 ? 84  LEU A O   1 
ATOM   605 C CB  . LEU A 1 84  ? 1.409   5.336   -2.126  1.00 33.99 ? 84  LEU A CB  1 
ATOM   606 C CG  . LEU A 1 84  ? 2.178   4.229   -1.393  1.00 35.79 ? 84  LEU A CG  1 
ATOM   607 C CD1 . LEU A 1 84  ? 1.179   3.166   -0.995  1.00 35.31 ? 84  LEU A CD1 1 
ATOM   608 C CD2 . LEU A 1 84  ? 3.264   3.612   -2.263  1.00 33.82 ? 84  LEU A CD2 1 
ATOM   609 N N   . THR A 1 85  ? 0.451   6.744   -4.590  1.00 32.84 ? 85  THR A N   1 
ATOM   610 C CA  . THR A 1 85  ? -0.142  6.706   -5.923  1.00 31.58 ? 85  THR A CA  1 
ATOM   611 C C   . THR A 1 85  ? 0.557   7.636   -6.891  1.00 31.24 ? 85  THR A C   1 
ATOM   612 O O   . THR A 1 85  ? 0.819   7.265   -8.032  1.00 31.94 ? 85  THR A O   1 
ATOM   613 C CB  . THR A 1 85  ? -1.639  7.075   -5.891  1.00 33.09 ? 85  THR A CB  1 
ATOM   614 O OG1 . THR A 1 85  ? -1.808  8.389   -5.336  1.00 34.42 ? 85  THR A OG1 1 
ATOM   615 C CG2 . THR A 1 85  ? -2.396  6.076   -5.054  1.00 32.82 ? 85  THR A CG2 1 
ATOM   616 N N   . ALA A 1 86  ? 0.856   8.844   -6.435  1.00 27.61 ? 86  ALA A N   1 
ATOM   617 C CA  . ALA A 1 86  ? 1.525   9.808   -7.279  1.00 25.99 ? 86  ALA A CA  1 
ATOM   618 C C   . ALA A 1 86  ? 2.840   9.238   -7.774  1.00 27.71 ? 86  ALA A C   1 
ATOM   619 O O   . ALA A 1 86  ? 3.177   9.372   -8.946  1.00 27.04 ? 86  ALA A O   1 
ATOM   620 C CB  . ALA A 1 86  ? 1.772   11.073  -6.517  1.00 25.84 ? 86  ALA A CB  1 
ATOM   621 N N   . LYS A 1 87  ? 3.578   8.591   -6.877  1.00 28.96 ? 87  LYS A N   1 
ATOM   622 C CA  . LYS A 1 87  ? 4.875   8.022   -7.216  1.00 28.71 ? 87  LYS A CA  1 
ATOM   623 C C   . LYS A 1 87  ? 4.867   6.831   -8.168  1.00 29.33 ? 87  LYS A C   1 
ATOM   624 O O   . LYS A 1 87  ? 5.737   6.736   -9.033  1.00 30.01 ? 87  LYS A O   1 
ATOM   625 C CB  . LYS A 1 87  ? 5.629   7.615   -5.951  1.00 28.95 ? 87  LYS A CB  1 
ATOM   626 C CG  . LYS A 1 87  ? 7.031   7.098   -6.247  1.00 28.36 ? 87  LYS A CG  1 
ATOM   627 C CD  . LYS A 1 87  ? 7.678   6.485   -5.033  1.00 28.97 ? 87  LYS A CD  1 
ATOM   628 C CE  . LYS A 1 87  ? 9.139   6.195   -5.283  1.00 27.90 ? 87  LYS A CE  1 
ATOM   629 N NZ  . LYS A 1 87  ? 9.850   7.467   -5.472  1.00 31.15 ? 87  LYS A NZ  1 
ATOM   630 N N   . TYR A 1 88  ? 3.921   5.914   -8.019  1.00 29.08 ? 88  TYR A N   1 
ATOM   631 C CA  . TYR A 1 88  ? 3.908   4.757   -8.907  1.00 31.54 ? 88  TYR A CA  1 
ATOM   632 C C   . TYR A 1 88  ? 2.773   4.710   -9.920  1.00 32.70 ? 88  TYR A C   1 
ATOM   633 O O   . TYR A 1 88  ? 2.755   3.847   -10.798 1.00 32.95 ? 88  TYR A O   1 
ATOM   634 C CB  . TYR A 1 88  ? 3.922   3.466   -8.091  1.00 32.90 ? 88  TYR A CB  1 
ATOM   635 C CG  . TYR A 1 88  ? 5.183   3.303   -7.285  1.00 33.98 ? 88  TYR A CG  1 
ATOM   636 C CD1 . TYR A 1 88  ? 5.175   3.463   -5.898  1.00 33.78 ? 88  TYR A CD1 1 
ATOM   637 C CD2 . TYR A 1 88  ? 6.390   3.026   -7.915  1.00 33.08 ? 88  TYR A CD2 1 
ATOM   638 C CE1 . TYR A 1 88  ? 6.342   3.350   -5.158  1.00 34.73 ? 88  TYR A CE1 1 
ATOM   639 C CE2 . TYR A 1 88  ? 7.561   2.914   -7.189  1.00 34.83 ? 88  TYR A CE2 1 
ATOM   640 C CZ  . TYR A 1 88  ? 7.539   3.075   -5.810  1.00 35.90 ? 88  TYR A CZ  1 
ATOM   641 O OH  . TYR A 1 88  ? 8.720   2.970   -5.095  1.00 34.87 ? 88  TYR A OH  1 
ATOM   642 N N   . ASP A 1 89  ? 1.836   5.638   -9.805  1.00 31.74 ? 89  ASP A N   1 
ATOM   643 C CA  . ASP A 1 89  ? 0.722   5.693   -10.730 1.00 34.15 ? 89  ASP A CA  1 
ATOM   644 C C   . ASP A 1 89  ? 0.393   7.157   -10.998 1.00 37.13 ? 89  ASP A C   1 
ATOM   645 O O   . ASP A 1 89  ? -0.739  7.592   -10.840 1.00 37.13 ? 89  ASP A O   1 
ATOM   646 C CB  . ASP A 1 89  ? -0.474  4.953   -10.130 1.00 34.70 ? 89  ASP A CB  1 
ATOM   647 C CG  . ASP A 1 89  ? -1.618  4.782   -11.113 1.00 35.84 ? 89  ASP A CG  1 
ATOM   648 O OD1 . ASP A 1 89  ? -1.348  4.595   -12.318 1.00 36.87 ? 89  ASP A OD1 1 
ATOM   649 O OD2 . ASP A 1 89  ? -2.788  4.811   -10.665 1.00 34.47 ? 89  ASP A OD2 1 
ATOM   650 N N   . PRO A 1 90  ? 1.399   7.936   -11.424 1.00 39.31 ? 90  PRO A N   1 
ATOM   651 C CA  . PRO A 1 90  ? 1.228   9.358   -11.716 1.00 41.39 ? 90  PRO A CA  1 
ATOM   652 C C   . PRO A 1 90  ? 0.203   9.639   -12.806 1.00 44.81 ? 90  PRO A C   1 
ATOM   653 O O   . PRO A 1 90  ? -0.240  10.771  -12.971 1.00 46.62 ? 90  PRO A O   1 
ATOM   654 C CB  . PRO A 1 90  ? 2.632   9.793   -12.116 1.00 41.39 ? 90  PRO A CB  1 
ATOM   655 C CG  . PRO A 1 90  ? 3.183   8.568   -12.771 1.00 39.99 ? 90  PRO A CG  1 
ATOM   656 C CD  . PRO A 1 90  ? 2.741   7.481   -11.831 1.00 39.72 ? 90  PRO A CD  1 
ATOM   657 N N   . THR A 1 91  ? -0.176  8.606   -13.551 1.00 47.18 ? 91  THR A N   1 
ATOM   658 C CA  . THR A 1 91  ? -1.156  8.773   -14.617 1.00 49.11 ? 91  THR A CA  1 
ATOM   659 C C   . THR A 1 91  ? -2.564  8.376   -14.180 1.00 49.03 ? 91  THR A C   1 
ATOM   660 O O   . THR A 1 91  ? -3.489  8.356   -14.990 1.00 49.91 ? 91  THR A O   1 
ATOM   661 C CB  . THR A 1 91  ? -0.761  7.963   -15.863 1.00 48.95 ? 91  THR A CB  1 
ATOM   662 O OG1 . THR A 1 91  ? -0.357  6.646   -15.470 1.00 49.21 ? 91  THR A OG1 1 
ATOM   663 C CG2 . THR A 1 91  ? 0.378   8.646   -16.592 1.00 48.69 ? 91  THR A CG2 1 
ATOM   664 N N   . GLY A 1 92  ? -2.716  8.062   -12.898 1.00 50.00 ? 92  GLY A N   1 
ATOM   665 C CA  . GLY A 1 92  ? -4.013  7.690   -12.361 1.00 50.46 ? 92  GLY A CA  1 
ATOM   666 C C   . GLY A 1 92  ? -4.717  6.483   -12.969 1.00 50.49 ? 92  GLY A C   1 
ATOM   667 O O   . GLY A 1 92  ? -5.925  6.529   -13.217 1.00 50.91 ? 92  GLY A O   1 
ATOM   668 N N   . ASN A 1 93  ? -3.982  5.399   -13.207 1.00 49.32 ? 93  ASN A N   1 
ATOM   669 C CA  . ASN A 1 93  ? -4.589  4.194   -13.769 1.00 48.58 ? 93  ASN A CA  1 
ATOM   670 C C   . ASN A 1 93  ? -5.341  3.384   -12.703 1.00 48.36 ? 93  ASN A C   1 
ATOM   671 O O   . ASN A 1 93  ? -6.232  2.598   -13.034 1.00 48.55 ? 93  ASN A O   1 
ATOM   672 C CB  . ASN A 1 93  ? -3.524  3.298   -14.423 1.00 49.27 ? 93  ASN A CB  1 
ATOM   673 C CG  . ASN A 1 93  ? -2.788  3.989   -15.568 1.00 49.81 ? 93  ASN A CG  1 
ATOM   674 O OD1 . ASN A 1 93  ? -1.908  3.404   -16.201 1.00 47.59 ? 93  ASN A OD1 1 
ATOM   675 N ND2 . ASN A 1 93  ? -3.143  5.244   -15.831 1.00 52.21 ? 93  ASN A ND2 1 
ATOM   676 N N   . TRP A 1 94  ? -4.992  3.575   -11.428 1.00 46.60 ? 94  TRP A N   1 
ATOM   677 C CA  . TRP A 1 94  ? -5.648  2.823   -10.367 1.00 44.14 ? 94  TRP A CA  1 
ATOM   678 C C   . TRP A 1 94  ? -6.025  3.567   -9.099  1.00 44.55 ? 94  TRP A C   1 
ATOM   679 O O   . TRP A 1 94  ? -6.756  3.026   -8.268  1.00 44.89 ? 94  TRP A O   1 
ATOM   680 C CB  . TRP A 1 94  ? -4.795  1.626   -9.984  1.00 42.02 ? 94  TRP A CB  1 
ATOM   681 C CG  . TRP A 1 94  ? -4.355  0.849   -11.161 1.00 41.61 ? 94  TRP A CG  1 
ATOM   682 C CD1 . TRP A 1 94  ? -3.240  1.063   -11.913 1.00 41.60 ? 94  TRP A CD1 1 
ATOM   683 C CD2 . TRP A 1 94  ? -5.038  -0.254  -11.755 1.00 41.15 ? 94  TRP A CD2 1 
ATOM   684 N NE1 . TRP A 1 94  ? -3.182  0.159   -12.944 1.00 42.60 ? 94  TRP A NE1 1 
ATOM   685 C CE2 . TRP A 1 94  ? -4.276  -0.663  -12.871 1.00 41.39 ? 94  TRP A CE2 1 
ATOM   686 C CE3 . TRP A 1 94  ? -6.223  -0.939  -11.454 1.00 41.01 ? 94  TRP A CE3 1 
ATOM   687 C CZ2 . TRP A 1 94  ? -4.656  -1.732  -13.690 1.00 40.87 ? 94  TRP A CZ2 1 
ATOM   688 C CZ3 . TRP A 1 94  ? -6.604  -1.999  -12.266 1.00 42.46 ? 94  TRP A CZ3 1 
ATOM   689 C CH2 . TRP A 1 94  ? -5.819  -2.385  -13.374 1.00 42.00 ? 94  TRP A CH2 1 
ATOM   690 N N   . ARG A 1 95  ? -5.539  4.791   -8.922  1.00 45.24 ? 95  ARG A N   1 
ATOM   691 C CA  . ARG A 1 95  ? -5.892  5.525   -7.708  1.00 46.16 ? 95  ARG A CA  1 
ATOM   692 C C   . ARG A 1 95  ? -7.416  5.574   -7.488  1.00 46.87 ? 95  ARG A C   1 
ATOM   693 O O   . ARG A 1 95  ? -7.902  5.343   -6.375  1.00 45.36 ? 95  ARG A O   1 
ATOM   694 C CB  . ARG A 1 95  ? -5.319  6.952   -7.740  1.00 45.37 ? 95  ARG A CB  1 
ATOM   695 C CG  . ARG A 1 95  ? -5.834  7.815   -6.595  1.00 45.76 ? 95  ARG A CG  1 
ATOM   696 C CD  . ARG A 1 95  ? -5.088  9.120   -6.445  1.00 47.76 ? 95  ARG A CD  1 
ATOM   697 N NE  . ARG A 1 95  ? -5.614  9.893   -5.320  1.00 49.90 ? 95  ARG A NE  1 
ATOM   698 C CZ  . ARG A 1 95  ? -5.038  10.982  -4.811  1.00 50.32 ? 95  ARG A CZ  1 
ATOM   699 N NH1 . ARG A 1 95  ? -3.903  11.441  -5.321  1.00 50.59 ? 95  ARG A NH1 1 
ATOM   700 N NH2 . ARG A 1 95  ? -5.602  11.612  -3.791  1.00 49.33 ? 95  ARG A NH2 1 
ATOM   701 N N   . LYS A 1 96  ? -8.221  5.886   -8.559  1.00 47.35 ? 96  LYS A N   1 
ATOM   702 C CA  . LYS A 1 96  ? -9.661  6.087   -8.338  1.00 47.29 ? 96  LYS A CA  1 
ATOM   703 C C   . LYS A 1 96  ? -10.340 4.740   -8.079  1.00 46.55 ? 96  LYS A C   1 
ATOM   704 O O   . LYS A 1 96  ? -10.979 4.535   -7.036  1.00 47.06 ? 96  LYS A O   1 
ATOM   705 C CB  . LYS A 1 96  ? -10.291 6.738   -9.575  1.00 49.00 ? 96  LYS A CB  1 
ATOM   706 C CG  . LYS A 1 96  ? -11.719 7.238   -9.334  1.00 50.91 ? 96  LYS A CG  1 
ATOM   707 C CD  . LYS A 1 96  ? -12.700 6.782   -10.418 1.00 51.71 ? 96  LYS A CD  1 
ATOM   708 C CE  . LYS A 1 96  ? -13.987 7.612   -10.452 0.50 51.80 ? 96  LYS A CE  1 
ATOM   709 N NZ  . LYS A 1 96  ? -15.037 7.081   -9.572  0.50 52.10 ? 96  LYS A NZ  1 
ATOM   710 N N   . LYS A 1 97  ? -10.015 3.598   -8.818  1.00 44.74 ? 97  LYS A N   1 
ATOM   711 C CA  . LYS A 1 97  ? -10.571 2.286   -8.526  1.00 44.32 ? 97  LYS A CA  1 
ATOM   712 C C   . LYS A 1 97  ? -10.416 1.846   -7.063  1.00 42.87 ? 97  LYS A C   1 
ATOM   713 O O   . LYS A 1 97  ? -11.369 1.343   -6.466  1.00 42.51 ? 97  LYS A O   1 
ATOM   714 C CB  . LYS A 1 97  ? -9.957  1.252   -9.476  1.00 45.24 ? 97  LYS A CB  1 
ATOM   715 C CG  . LYS A 1 97  ? -10.262 1.548   -10.939 1.00 47.41 ? 97  LYS A CG  1 
ATOM   716 C CD  . LYS A 1 97  ? -9.611  0.544   -11.869 1.00 49.19 ? 97  LYS A CD  1 
ATOM   717 C CE  . LYS A 1 97  ? -9.860  0.898   -13.338 1.00 50.99 ? 97  LYS A CE  1 
ATOM   718 N NZ  . LYS A 1 97  ? -9.180  -0.046  -14.291 1.00 52.21 ? 97  LYS A NZ  1 
ATOM   719 N N   . TYR A 1 98  ? -9.234  2.038   -6.481  1.00 41.03 ? 98  TYR A N   1 
ATOM   720 C CA  . TYR A 1 98  ? -9.019  1.655   -5.087  1.00 39.72 ? 98  TYR A CA  1 
ATOM   721 C C   . TYR A 1 98  ? -9.783  2.544   -4.125  1.00 41.33 ? 98  TYR A C   1 
ATOM   722 O O   . TYR A 1 98  ? -10.319 2.062   -3.120  1.00 40.95 ? 98  TYR A O   1 
ATOM   723 C CB  . TYR A 1 98  ? -7.538  1.696   -4.724  1.00 36.59 ? 98  TYR A CB  1 
ATOM   724 C CG  . TYR A 1 98  ? -6.782  0.519   -5.251  1.00 34.26 ? 98  TYR A CG  1 
ATOM   725 C CD1 . TYR A 1 98  ? -5.644  0.697   -6.028  1.00 35.21 ? 98  TYR A CD1 1 
ATOM   726 C CD2 . TYR A 1 98  ? -7.243  -0.777  -5.042  1.00 32.61 ? 98  TYR A CD2 1 
ATOM   727 C CE1 . TYR A 1 98  ? -4.982  -0.387  -6.600  1.00 34.61 ? 98  TYR A CE1 1 
ATOM   728 C CE2 . TYR A 1 98  ? -6.589  -1.872  -5.613  1.00 32.21 ? 98  TYR A CE2 1 
ATOM   729 C CZ  . TYR A 1 98  ? -5.461  -1.667  -6.393  1.00 32.94 ? 98  TYR A CZ  1 
ATOM   730 O OH  . TYR A 1 98  ? -4.822  -2.725  -6.997  1.00 32.41 ? 98  TYR A OH  1 
ATOM   731 N N   . GLU A 1 99  ? -9.823  3.841   -4.428  1.00 43.09 ? 99  GLU A N   1 
ATOM   732 C CA  . GLU A 1 99  ? -10.530 4.795   -3.580  1.00 44.31 ? 99  GLU A CA  1 
ATOM   733 C C   . GLU A 1 99  ? -12.020 4.504   -3.629  1.00 44.40 ? 99  GLU A C   1 
ATOM   734 O O   . GLU A 1 99  ? -12.732 4.741   -2.656  1.00 44.99 ? 99  GLU A O   1 
ATOM   735 C CB  . GLU A 1 99  ? -10.251 6.234   -4.027  1.00 45.26 ? 99  GLU A CB  1 
ATOM   736 C CG  . GLU A 1 99  ? -8.787  6.638   -3.918  1.00 48.74 ? 99  GLU A CG  1 
ATOM   737 C CD  . GLU A 1 99  ? -8.555  8.106   -4.225  1.00 51.08 ? 99  GLU A CD  1 
ATOM   738 O OE1 . GLU A 1 99  ? -9.081  8.593   -5.249  1.00 52.21 ? 99  GLU A OE1 1 
ATOM   739 O OE2 . GLU A 1 99  ? -7.838  8.772   -3.447  1.00 51.17 ? 99  GLU A OE2 1 
ATOM   740 N N   . ASP A 1 100 ? -12.486 3.975   -4.758  1.00 44.45 ? 100 ASP A N   1 
ATOM   741 C CA  . ASP A 1 100 ? -13.894 3.647   -4.900  0.00 46.44 ? 100 ASP A CA  1 
ATOM   742 C C   . ASP A 1 100 ? -14.186 2.390   -4.104  1.00 47.17 ? 100 ASP A C   1 
ATOM   743 O O   . ASP A 1 100 ? -15.251 2.253   -3.503  1.00 48.00 ? 100 ASP A O   1 
ATOM   744 C CB  . ASP A 1 100 ? -14.248 3.424   -6.363  1.00 46.90 ? 100 ASP A CB  1 
ATOM   745 C CG  . ASP A 1 100 ? -14.232 4.709   -7.165  1.00 50.43 ? 100 ASP A CG  1 
ATOM   746 O OD1 . ASP A 1 100 ? -14.403 5.789   -6.558  1.00 51.29 ? 100 ASP A OD1 1 
ATOM   747 O OD2 . ASP A 1 100 ? -14.068 4.643   -8.400  1.00 51.63 ? 100 ASP A OD2 1 
ATOM   748 N N   . ARG A 1 101 ? -13.240 1.463   -4.098  1.00 47.37 ? 101 ARG A N   1 
ATOM   749 C CA  . ARG A 1 101 ? -13.417 0.234   -3.346  1.00 48.39 ? 101 ARG A CA  1 
ATOM   750 C C   . ARG A 1 101 ? -13.469 0.588   -1.862  1.00 49.29 ? 101 ARG A C   1 
ATOM   751 O O   . ARG A 1 101 ? -14.207 -0.022  -1.085  1.00 49.97 ? 101 ARG A O   1 
ATOM   752 C CB  . ARG A 1 101 ? -12.260 -0.717  -3.629  1.00 49.40 ? 101 ARG A CB  1 
ATOM   753 C CG  . ARG A 1 101 ? -12.367 -2.032  -2.895  1.00 50.57 ? 101 ARG A CG  1 
ATOM   754 C CD  . ARG A 1 101 ? -11.281 -2.981  -3.348  1.00 51.58 ? 101 ARG A CD  1 
ATOM   755 N NE  . ARG A 1 101 ? -11.287 -4.215  -2.569  1.00 51.00 ? 101 ARG A NE  1 
ATOM   756 C CZ  . ARG A 1 101 ? -10.446 -5.220  -2.770  1.00 50.40 ? 101 ARG A CZ  1 
ATOM   757 N NH1 . ARG A 1 101 ? -9.533  -5.137  -3.729  1.00 49.85 ? 101 ARG A NH1 1 
ATOM   758 N NH2 . ARG A 1 101 ? -10.512 -6.301  -2.007  1.00 50.69 ? 101 ARG A NH2 1 
ATOM   759 N N   . ALA A 1 102 ? -12.674 1.583   -1.480  1.00 49.78 ? 102 ALA A N   1 
ATOM   760 C CA  . ALA A 1 102 ? -12.626 2.047   -0.101  1.00 50.02 ? 102 ALA A CA  1 
ATOM   761 C C   . ALA A 1 102 ? -13.962 2.693   0.269   1.00 50.42 ? 102 ALA A C   1 
ATOM   762 O O   . ALA A 1 102 ? -14.602 2.287   1.242   1.00 50.67 ? 102 ALA A O   1 
ATOM   763 C CB  . ALA A 1 102 ? -11.493 3.046   0.072   1.00 50.15 ? 102 ALA A CB  1 
ATOM   764 N N   . LYS A 1 103 ? -14.375 3.698   -0.509  1.00 49.47 ? 103 LYS A N   1 
ATOM   765 C CA  . LYS A 1 103 ? -15.640 4.395   -0.277  1.00 49.02 ? 103 LYS A CA  1 
ATOM   766 C C   . LYS A 1 103 ? -16.750 3.377   -0.113  1.00 48.90 ? 103 LYS A C   1 
ATOM   767 O O   . LYS A 1 103 ? -17.548 3.461   0.826   1.00 49.06 ? 103 LYS A O   1 
ATOM   768 C CB  . LYS A 1 103 ? -15.989 5.316   -1.450  1.00 49.59 ? 103 LYS A CB  1 
ATOM   769 C CG  . LYS A 1 103 ? -15.186 6.605   -1.511  1.00 51.36 ? 103 LYS A CG  1 
ATOM   770 C CD  . LYS A 1 103 ? -15.609 7.465   -2.693  0.00 51.26 ? 103 LYS A CD  1 
ATOM   771 C CE  . LYS A 1 103 ? -14.789 8.742   -2.772  0.00 51.63 ? 103 LYS A CE  1 
ATOM   772 N NZ  . LYS A 1 103 ? -15.188 9.584   -3.936  0.00 51.78 ? 103 LYS A NZ  1 
ATOM   773 N N   . ALA A 1 104 ? -16.800 2.418   -1.035  1.00 48.57 ? 104 ALA A N   1 
ATOM   774 C CA  . ALA A 1 104 ? -17.811 1.373   -0.983  1.00 48.47 ? 104 ALA A CA  1 
ATOM   775 C C   . ALA A 1 104 ? -17.796 0.804   0.418   1.00 50.21 ? 104 ALA A C   1 
ATOM   776 O O   . ALA A 1 104 ? -18.847 0.532   1.000   1.00 52.21 ? 104 ALA A O   1 
ATOM   777 C CB  . ALA A 1 104 ? -17.498 0.281   -1.986  1.00 45.57 ? 104 ALA A CB  1 
ATOM   778 N N   . ALA A 1 105 ? -16.592 0.649   0.960   1.00 50.57 ? 105 ALA A N   1 
ATOM   779 C CA  . ALA A 1 105 ? -16.407 0.099   2.295   1.00 51.08 ? 105 ALA A CA  1 
ATOM   780 C C   . ALA A 1 105 ? -16.811 1.048   3.421   1.00 51.11 ? 105 ALA A C   1 
ATOM   781 O O   . ALA A 1 105 ? -16.873 0.643   4.582   1.00 51.36 ? 105 ALA A O   1 
ATOM   782 C CB  . ALA A 1 105 ? -14.960 -0.324  2.474   1.00 51.16 ? 105 ALA A CB  1 
ATOM   783 N N   . GLY A 1 106 ? -17.081 2.304   3.087   1.00 50.62 ? 106 GLY A N   1 
ATOM   784 C CA  . GLY A 1 106 ? -17.470 3.260   4.106   1.00 51.19 ? 106 GLY A CA  1 
ATOM   785 C C   . GLY A 1 106 ? -16.422 4.333   4.355   1.00 52.21 ? 106 GLY A C   1 
ATOM   786 O O   . GLY A 1 106 ? -16.710 5.393   4.925   1.00 52.21 ? 106 GLY A O   1 
ATOM   787 N N   . ILE A 1 107 ? -15.194 4.060   3.930   1.00 52.21 ? 107 ILE A N   1 
ATOM   788 C CA  . ILE A 1 107 ? -14.101 5.006   4.095   1.00 51.87 ? 107 ILE A CA  1 
ATOM   789 C C   . ILE A 1 107 ? -14.403 6.232   3.251   1.00 52.21 ? 107 ILE A C   1 
ATOM   790 O O   . ILE A 1 107 ? -14.436 6.147   2.020   1.00 52.21 ? 107 ILE A O   1 
ATOM   791 C CB  . ILE A 1 107 ? -12.799 4.389   3.616   1.00 51.68 ? 107 ILE A CB  1 
ATOM   792 C CG1 . ILE A 1 107 ? -12.574 3.069   4.342   1.00 50.64 ? 107 ILE A CG1 1 
ATOM   793 C CG2 . ILE A 1 107 ? -11.655 5.345   3.861   1.00 52.21 ? 107 ILE A CG2 1 
ATOM   794 C CD1 . ILE A 1 107 ? -11.782 2.106   3.542   1.00 52.21 ? 107 ILE A CD1 1 
ATOM   795 N N   . VAL A 1 108 ? -14.622 7.367   3.912   1.00 52.21 ? 108 VAL A N   1 
ATOM   796 C CA  . VAL A 1 108 ? -14.946 8.612   3.211   1.00 52.21 ? 108 VAL A CA  1 
ATOM   797 C C   . VAL A 1 108 ? -13.711 9.428   2.818   1.00 52.21 ? 108 VAL A C   1 
ATOM   798 O O   . VAL A 1 108 ? -12.725 9.485   3.562   1.00 52.21 ? 108 VAL A O   1 
ATOM   799 C CB  . VAL A 1 108 ? -15.891 9.505   4.069   1.00 52.21 ? 108 VAL A CB  1 
ATOM   800 C CG1 . VAL A 1 108 ? -16.253 10.764  3.304   0.00 52.21 ? 108 VAL A CG1 1 
ATOM   801 C CG2 . VAL A 1 108 ? -17.144 8.731   4.444   0.00 52.21 ? 108 VAL A CG2 1 
ATOM   802 N N   . ILE A 1 109 ? -13.782 10.062  1.646   1.00 52.21 ? 109 ILE A N   1 
ATOM   803 C CA  . ILE A 1 109 ? -12.686 10.880  1.120   1.00 52.21 ? 109 ILE A CA  1 
ATOM   804 C C   . ILE A 1 109 ? -11.561 9.987   0.589   1.00 52.21 ? 109 ILE A C   1 
ATOM   805 O O   . ILE A 1 109 ? -10.463 9.980   1.194   1.00 52.21 ? 109 ILE A O   1 
ATOM   806 C CB  . ILE A 1 109 ? -12.101 11.825  2.201   1.00 52.21 ? 109 ILE A CB  1 
ATOM   807 C CG1 . ILE A 1 109 ? -13.225 12.599  2.887   1.00 52.21 ? 109 ILE A CG1 1 
ATOM   808 C CG2 . ILE A 1 109 ? -11.119 12.799  1.559   1.00 52.21 ? 109 ILE A CG2 1 
ATOM   809 C CD1 . ILE A 1 109 ? -12.730 13.560  3.946   1.00 52.21 ? 109 ILE A CD1 1 
HETATM 810 O O   . HOH B 2 .   ? 12.781  2.590   5.828   1.00 28.99 ? 201 HOH A O   1 
HETATM 811 O O   . HOH B 2 .   ? 14.033  0.421   -1.001  1.00 40.07 ? 202 HOH A O   1 
HETATM 812 O O   . HOH B 2 .   ? -2.191  -16.854 -3.134  1.00 21.07 ? 203 HOH A O   1 
HETATM 813 O O   . HOH B 2 .   ? -9.307  12.474  -1.809  1.00 36.77 ? 204 HOH A O   1 
HETATM 814 O O   . HOH B 2 .   ? 7.266   -10.815 -3.064  1.00 41.07 ? 205 HOH A O   1 
HETATM 815 O O   . HOH B 2 .   ? 1.510   -4.928  0.755   1.00 41.99 ? 206 HOH A O   1 
HETATM 816 O O   . HOH B 2 .   ? 0.904   -6.516  -11.233 1.00 43.28 ? 207 HOH A O   1 
HETATM 817 O O   . HOH B 2 .   ? -9.288  9.959   5.126   1.00 41.39 ? 208 HOH A O   1 
HETATM 818 O O   . HOH B 2 .   ? -3.401  8.387   12.358  1.00 39.53 ? 209 HOH A O   1 
HETATM 819 O O   . HOH B 2 .   ? -2.270  6.018   14.829  1.00 34.98 ? 210 HOH A O   1 
HETATM 820 O O   . HOH B 2 .   ? -4.003  11.422  8.144   1.00 52.02 ? 211 HOH A O   1 
HETATM 821 O O   . HOH B 2 .   ? 10.368  -2.525  5.897   1.00 7.21  ? 212 HOH A O   1 
HETATM 822 O O   . HOH B 2 .   ? 2.188   -5.538  17.654  1.00 23.06 ? 213 HOH A O   1 
HETATM 823 O O   . HOH B 2 .   ? 0.884   -8.449  0.244   1.00 17.03 ? 214 HOH A O   1 
HETATM 824 O O   . HOH B 2 .   ? -8.332  4.122   -11.606 1.00 33.13 ? 215 HOH A O   1 
HETATM 825 O O   . HOH B 2 .   ? -2.139  8.404   -9.151  1.00 33.76 ? 216 HOH A O   1 
HETATM 826 O O   . HOH B 2 .   ? 0.081   2.504   12.579  1.00 14.03 ? 217 HOH A O   1 
HETATM 827 O O   . HOH B 2 .   ? -10.162 1.668   -16.673 1.00 52.21 ? 218 HOH A O   1 
HETATM 828 O O   . HOH B 2 .   ? -1.633  4.398   10.526  1.00 31.67 ? 219 HOH A O   1 
HETATM 829 O O   . HOH B 2 .   ? -2.183  11.904  6.149   1.00 42.60 ? 220 HOH A O   1 
HETATM 830 O O   . HOH B 2 .   ? -10.513 -2.662  -13.626 1.00 50.15 ? 221 HOH A O   1 
# 
